data_1KWM
#
_entry.id   1KWM
#
_cell.length_a   42.959
_cell.length_b   83.558
_cell.length_c   127.447
_cell.angle_alpha   90.00
_cell.angle_beta   99.12
_cell.angle_gamma   90.00
#
_symmetry.space_group_name_H-M   'P 1 21 1'
#
loop_
_entity.id
_entity.type
_entity.pdbx_description
1 polymer 'Procarboxypeptidase B'
2 non-polymer 'ZINC ION'
3 non-polymer 'CITRIC ACID'
4 water water
#
_entity_poly.entity_id   1
_entity_poly.type   'polypeptide(L)'
_entity_poly.pdbx_seq_one_letter_code
;HHGGEHFEGEKVFRVNVEDENHINIIRELASTTQIDFWKPDSVTQIKPHSTVDFRVKAEDTVTVENVLKQNELQYKVLIS
NLRNVVEAQFDSRVRATGHSYEKYNKWETIEAWTQQVATENPALISRSVIGTTFEGRAIYLLKVGKAGQNKPAIFMDCGF
HAREWISPAFCQWFVREAVRTYGREIQVTELLNKLDFYVLPVLNIDGYIYTWTKSRFWRKTRSTHTGSSCIGTDPNRNFD
AGWCEIGASRNPCDETYCGPAAESEKETKALADFIRNKLSSIKAYLTIHSYSQMMIYPYSYAYKLGENNAELNALAKATV
KELASLHGTKYTYGPGATTIYPAAGGSDDWAYDQGIRYSFTFELRDTGRYGFLLPESQIRATCEETFLAIKYVASYVLEH
LY
;
_entity_poly.pdbx_strand_id   A,B
#
loop_
_chem_comp.id
_chem_comp.type
_chem_comp.name
_chem_comp.formula
CIT non-polymer 'CITRIC ACID' 'C6 H8 O7'
ZN non-polymer 'ZINC ION' 'Zn 2'
#
# COMPACT_ATOMS: atom_id res chain seq x y z
N HIS A 1 -28.80 -22.88 -43.65
CA HIS A 1 -28.32 -23.60 -42.48
C HIS A 1 -28.31 -22.71 -41.24
N HIS A 2 -28.26 -23.38 -40.09
CA HIS A 2 -28.16 -22.77 -38.77
C HIS A 2 -29.41 -21.99 -38.38
N GLY A 3 -30.54 -22.39 -38.92
CA GLY A 3 -31.82 -21.77 -38.64
C GLY A 3 -32.02 -20.48 -39.41
N GLY A 4 -31.06 -20.14 -40.26
CA GLY A 4 -31.13 -18.88 -40.99
C GLY A 4 -32.41 -18.84 -41.81
N GLU A 5 -32.85 -19.99 -42.30
CA GLU A 5 -34.03 -20.00 -43.15
C GLU A 5 -35.24 -19.36 -42.46
N HIS A 6 -35.34 -19.52 -41.14
CA HIS A 6 -36.48 -19.02 -40.38
C HIS A 6 -36.53 -17.49 -40.40
N PHE A 7 -35.41 -16.86 -40.75
CA PHE A 7 -35.33 -15.40 -40.68
C PHE A 7 -35.30 -14.78 -42.07
N GLU A 8 -35.67 -15.58 -43.06
CA GLU A 8 -35.66 -15.07 -44.42
C GLU A 8 -36.55 -13.83 -44.54
N GLY A 9 -36.01 -12.73 -45.06
CA GLY A 9 -36.81 -11.53 -45.27
C GLY A 9 -36.89 -10.63 -44.06
N GLU A 10 -36.39 -11.09 -42.91
CA GLU A 10 -36.50 -10.24 -41.73
C GLU A 10 -35.45 -9.14 -41.82
N LYS A 11 -35.70 -8.02 -41.18
CA LYS A 11 -34.77 -6.88 -41.22
C LYS A 11 -34.53 -6.32 -39.82
N VAL A 12 -33.35 -5.71 -39.64
CA VAL A 12 -33.06 -4.95 -38.43
C VAL A 12 -32.91 -3.49 -38.81
N PHE A 13 -33.71 -2.61 -38.20
CA PHE A 13 -33.71 -1.19 -38.48
C PHE A 13 -32.98 -0.42 -37.37
N ARG A 14 -32.40 0.71 -37.74
CA ARG A 14 -31.94 1.68 -36.77
C ARG A 14 -32.68 3.00 -37.01
N VAL A 15 -33.39 3.47 -36.00
CA VAL A 15 -34.21 4.67 -36.13
C VAL A 15 -33.71 5.74 -35.17
N ASN A 16 -33.54 6.97 -35.69
CA ASN A 16 -33.20 8.05 -34.75
C ASN A 16 -34.47 8.67 -34.16
N VAL A 17 -34.49 8.88 -32.85
CA VAL A 17 -35.63 9.62 -32.28
C VAL A 17 -35.12 10.91 -31.65
N GLU A 18 -35.85 12.00 -31.90
CA GLU A 18 -35.45 13.30 -31.35
C GLU A 18 -36.42 13.81 -30.30
N ASP A 19 -37.62 13.23 -30.20
CA ASP A 19 -38.59 13.78 -29.26
C ASP A 19 -39.63 12.71 -28.93
N GLU A 20 -40.58 13.05 -28.05
CA GLU A 20 -41.52 12.05 -27.55
C GLU A 20 -42.49 11.62 -28.63
N ASN A 21 -42.71 12.52 -29.58
CA ASN A 21 -43.59 12.11 -30.68
C ASN A 21 -42.90 11.06 -31.54
N HIS A 22 -41.60 11.24 -31.79
CA HIS A 22 -40.91 10.15 -32.47
C HIS A 22 -41.04 8.85 -31.70
N ILE A 23 -40.89 8.99 -30.38
CA ILE A 23 -40.91 7.76 -29.58
C ILE A 23 -42.30 7.16 -29.60
N ASN A 24 -43.32 8.03 -29.58
CA ASN A 24 -44.68 7.50 -29.58
C ASN A 24 -45.00 6.81 -30.91
N ILE A 25 -44.35 7.23 -32.00
CA ILE A 25 -44.58 6.47 -33.24
C ILE A 25 -44.00 5.06 -33.17
N ILE A 26 -42.85 4.91 -32.53
CA ILE A 26 -42.31 3.55 -32.37
C ILE A 26 -43.17 2.74 -31.42
N ARG A 27 -43.64 3.38 -30.36
CA ARG A 27 -44.55 2.72 -29.41
C ARG A 27 -45.82 2.20 -30.07
N GLU A 28 -46.43 3.03 -30.92
CA GLU A 28 -47.63 2.63 -31.65
C GLU A 28 -47.31 1.49 -32.61
N LEU A 29 -46.12 1.60 -33.19
CA LEU A 29 -45.68 0.55 -34.12
C LEU A 29 -45.60 -0.78 -33.38
N ALA A 30 -44.97 -0.74 -32.21
CA ALA A 30 -44.72 -1.94 -31.42
C ALA A 30 -46.03 -2.58 -30.93
N SER A 31 -47.05 -1.74 -30.78
CA SER A 31 -48.32 -2.19 -30.24
C SER A 31 -49.17 -2.91 -31.27
N THR A 32 -48.88 -2.71 -32.56
CA THR A 32 -49.66 -3.29 -33.64
C THR A 32 -48.84 -4.24 -34.51
N THR A 33 -47.51 -4.17 -34.38
CA THR A 33 -46.67 -5.12 -35.11
C THR A 33 -45.66 -5.74 -34.15
N GLN A 34 -45.21 -6.96 -34.46
CA GLN A 34 -44.33 -7.71 -33.57
C GLN A 34 -42.88 -7.26 -33.76
N ILE A 35 -42.39 -6.52 -32.79
CA ILE A 35 -41.08 -5.88 -32.85
C ILE A 35 -40.15 -6.44 -31.78
N ASP A 36 -38.97 -6.88 -32.18
CA ASP A 36 -37.94 -7.42 -31.28
C ASP A 36 -36.92 -6.32 -31.04
N PHE A 37 -37.04 -5.64 -29.90
CA PHE A 37 -36.07 -4.57 -29.64
C PHE A 37 -34.69 -5.13 -29.30
N TRP A 38 -33.68 -4.58 -29.97
CA TRP A 38 -32.29 -4.97 -29.70
C TRP A 38 -31.61 -3.94 -28.80
N LYS A 39 -31.71 -2.67 -29.13
CA LYS A 39 -31.08 -1.63 -28.32
C LYS A 39 -31.90 -0.36 -28.39
N PRO A 40 -32.51 0.11 -27.32
CA PRO A 40 -32.53 -0.49 -25.99
C PRO A 40 -33.35 -1.78 -25.95
N ASP A 41 -33.53 -2.30 -24.75
CA ASP A 41 -34.21 -3.56 -24.55
C ASP A 41 -35.72 -3.46 -24.74
N SER A 42 -36.25 -2.25 -24.63
CA SER A 42 -37.71 -2.12 -24.60
C SER A 42 -38.11 -0.71 -25.01
N VAL A 43 -39.33 -0.54 -25.49
CA VAL A 43 -39.78 0.79 -25.88
C VAL A 43 -39.75 1.73 -24.69
N THR A 44 -39.93 1.21 -23.48
CA THR A 44 -39.96 2.14 -22.34
C THR A 44 -38.60 2.71 -22.00
N GLN A 45 -37.54 2.19 -22.60
CA GLN A 45 -36.18 2.60 -22.32
C GLN A 45 -35.60 3.58 -23.34
N ILE A 46 -36.40 4.01 -24.30
CA ILE A 46 -35.97 4.97 -25.32
C ILE A 46 -36.01 6.42 -24.86
N LYS A 47 -34.89 7.13 -25.01
CA LYS A 47 -34.65 8.51 -24.65
C LYS A 47 -34.71 9.45 -25.86
N PRO A 48 -35.05 10.71 -25.61
CA PRO A 48 -34.95 11.75 -26.64
C PRO A 48 -33.53 11.79 -27.21
N HIS A 49 -33.37 12.05 -28.50
CA HIS A 49 -32.02 12.17 -29.03
C HIS A 49 -31.24 10.88 -28.86
N SER A 50 -31.82 9.78 -29.29
CA SER A 50 -31.12 8.50 -29.24
C SER A 50 -31.44 7.68 -30.49
N THR A 51 -30.80 6.53 -30.62
CA THR A 51 -31.18 5.59 -31.68
C THR A 51 -31.76 4.31 -31.06
N VAL A 52 -32.57 3.65 -31.86
CA VAL A 52 -33.28 2.44 -31.50
C VAL A 52 -33.02 1.38 -32.56
N ASP A 53 -32.55 0.22 -32.14
CA ASP A 53 -32.29 -0.89 -33.05
C ASP A 53 -33.35 -1.97 -32.79
N PHE A 54 -33.99 -2.46 -33.87
CA PHE A 54 -35.02 -3.48 -33.66
C PHE A 54 -35.23 -4.35 -34.91
N ARG A 55 -35.63 -5.60 -34.63
CA ARG A 55 -35.86 -6.62 -35.64
C ARG A 55 -37.35 -6.72 -35.96
N VAL A 56 -37.63 -6.81 -37.25
CA VAL A 56 -38.97 -6.86 -37.79
C VAL A 56 -39.22 -8.12 -38.60
N LYS A 57 -40.37 -8.74 -38.39
CA LYS A 57 -40.78 -9.93 -39.14
C LYS A 57 -40.96 -9.62 -40.63
N ALA A 58 -40.68 -10.62 -41.45
CA ALA A 58 -40.65 -10.43 -42.88
C ALA A 58 -41.97 -9.84 -43.38
N GLU A 59 -43.07 -10.41 -42.89
CA GLU A 59 -44.38 -9.95 -43.35
C GLU A 59 -44.68 -8.53 -42.89
N ASP A 60 -43.85 -7.94 -42.03
CA ASP A 60 -44.14 -6.61 -41.49
C ASP A 60 -43.18 -5.55 -41.99
N THR A 61 -42.13 -5.92 -42.71
CA THR A 61 -41.13 -4.88 -43.02
C THR A 61 -41.69 -3.76 -43.87
N VAL A 62 -42.63 -4.06 -44.77
CA VAL A 62 -43.10 -2.96 -45.61
C VAL A 62 -43.85 -1.94 -44.78
N THR A 63 -44.75 -2.49 -43.99
CA THR A 63 -45.53 -1.70 -43.07
C THR A 63 -44.65 -0.79 -42.22
N VAL A 64 -43.68 -1.38 -41.53
CA VAL A 64 -42.81 -0.58 -40.67
C VAL A 64 -42.11 0.52 -41.45
N GLU A 65 -41.56 0.15 -42.61
CA GLU A 65 -40.74 1.12 -43.32
C GLU A 65 -41.59 2.27 -43.86
N ASN A 66 -42.82 1.97 -44.25
CA ASN A 66 -43.75 2.97 -44.74
C ASN A 66 -44.21 3.89 -43.61
N VAL A 67 -44.28 3.34 -42.39
CA VAL A 67 -44.56 4.23 -41.25
C VAL A 67 -43.38 5.16 -41.02
N LEU A 68 -42.19 4.58 -41.12
CA LEU A 68 -41.00 5.39 -40.89
C LEU A 68 -40.92 6.47 -41.96
N LYS A 69 -41.10 6.07 -43.21
CA LYS A 69 -41.10 7.09 -44.26
C LYS A 69 -42.22 8.10 -44.06
N GLN A 70 -43.44 7.67 -43.76
CA GLN A 70 -44.55 8.64 -43.71
C GLN A 70 -44.34 9.67 -42.61
N ASN A 71 -43.76 9.19 -41.52
CA ASN A 71 -43.56 10.13 -40.41
C ASN A 71 -42.22 10.82 -40.59
N GLU A 72 -41.59 10.53 -41.72
CA GLU A 72 -40.34 11.19 -42.09
C GLU A 72 -39.30 11.01 -41.00
N LEU A 73 -39.26 9.81 -40.41
CA LEU A 73 -38.23 9.56 -39.40
C LEU A 73 -36.91 9.20 -40.05
N GLN A 74 -35.79 9.70 -39.51
CA GLN A 74 -34.50 9.24 -40.00
C GLN A 74 -34.21 7.81 -39.54
N TYR A 75 -33.88 6.95 -40.49
CA TYR A 75 -33.52 5.57 -40.16
C TYR A 75 -32.53 4.99 -41.17
N LYS A 76 -31.99 3.84 -40.79
CA LYS A 76 -31.23 3.03 -41.73
C LYS A 76 -31.61 1.56 -41.58
N VAL A 77 -31.45 0.81 -42.66
CA VAL A 77 -31.53 -0.65 -42.50
C VAL A 77 -30.17 -1.20 -42.15
N LEU A 78 -29.95 -1.62 -40.91
CA LEU A 78 -28.72 -2.26 -40.47
C LEU A 78 -28.52 -3.61 -41.15
N ILE A 79 -29.58 -4.42 -41.19
CA ILE A 79 -29.57 -5.72 -41.83
C ILE A 79 -30.81 -5.90 -42.70
N SER A 80 -30.59 -6.10 -44.00
CA SER A 80 -31.67 -6.17 -44.97
C SER A 80 -32.18 -7.58 -45.19
N ASN A 81 -31.36 -8.60 -44.90
CA ASN A 81 -31.94 -9.95 -44.92
C ASN A 81 -31.26 -10.74 -43.81
N LEU A 82 -32.02 -10.83 -42.72
CA LEU A 82 -31.45 -11.42 -41.50
C LEU A 82 -30.98 -12.85 -41.73
N ARG A 83 -31.57 -13.60 -42.67
CA ARG A 83 -31.12 -14.96 -42.90
C ARG A 83 -29.62 -15.00 -43.20
N ASN A 84 -29.19 -14.07 -44.06
CA ASN A 84 -27.79 -14.11 -44.49
C ASN A 84 -26.82 -13.82 -43.34
N VAL A 85 -27.25 -12.95 -42.43
CA VAL A 85 -26.36 -12.57 -41.32
C VAL A 85 -26.34 -13.68 -40.28
N VAL A 86 -27.49 -14.31 -40.03
CA VAL A 86 -27.52 -15.48 -39.13
C VAL A 86 -26.56 -16.55 -39.65
N GLU A 87 -26.63 -16.84 -40.95
CA GLU A 87 -25.75 -17.88 -41.47
C GLU A 87 -24.30 -17.41 -41.45
N ALA A 88 -24.05 -16.15 -41.74
CA ALA A 88 -22.66 -15.68 -41.78
C ALA A 88 -22.00 -15.61 -40.42
N GLN A 89 -22.76 -15.73 -39.33
CA GLN A 89 -22.09 -15.77 -38.04
C GLN A 89 -21.11 -16.93 -37.98
N PHE A 90 -21.43 -18.05 -38.64
CA PHE A 90 -20.58 -19.25 -38.53
C PHE A 90 -19.48 -19.27 -39.57
N ASP A 91 -18.49 -18.39 -39.39
CA ASP A 91 -17.48 -18.19 -40.42
C ASP A 91 -16.09 -18.56 -39.93
N SER A 92 -15.99 -19.27 -38.82
CA SER A 92 -14.67 -19.69 -38.32
C SER A 92 -13.89 -20.46 -39.37
N ARG A 93 -12.58 -20.23 -39.48
CA ARG A 93 -11.86 -21.15 -40.37
C ARG A 93 -11.25 -22.28 -39.53
N VAL A 94 -11.66 -22.35 -38.26
CA VAL A 94 -11.13 -23.46 -37.45
C VAL A 94 -11.50 -24.80 -38.09
N ARG A 95 -10.48 -25.59 -38.43
CA ARG A 95 -10.68 -26.90 -39.02
C ARG A 95 -10.61 -27.99 -37.95
N ALA A 96 -11.78 -28.36 -37.43
CA ALA A 96 -11.85 -29.37 -36.37
C ALA A 96 -13.25 -29.47 -35.81
N THR A 97 -13.58 -30.53 -35.09
CA THR A 97 -14.91 -30.54 -34.47
C THR A 97 -14.74 -30.38 -32.95
N GLY A 98 -15.84 -30.17 -32.27
CA GLY A 98 -15.82 -30.00 -30.83
C GLY A 98 -15.52 -28.57 -30.43
N HIS A 99 -15.20 -28.40 -29.14
CA HIS A 99 -14.96 -27.07 -28.60
C HIS A 99 -13.86 -26.30 -29.31
N SER A 100 -14.04 -25.01 -29.48
CA SER A 100 -12.97 -24.13 -29.92
C SER A 100 -13.12 -22.78 -29.22
N TYR A 101 -12.01 -22.16 -28.86
CA TYR A 101 -12.14 -20.80 -28.32
C TYR A 101 -12.46 -19.80 -29.41
N GLU A 102 -12.45 -20.22 -30.67
CA GLU A 102 -12.74 -19.29 -31.76
C GLU A 102 -13.99 -19.67 -32.55
N LYS A 103 -14.89 -20.43 -31.93
CA LYS A 103 -16.23 -20.69 -32.44
C LYS A 103 -17.25 -20.41 -31.33
N TYR A 104 -18.51 -20.25 -31.69
CA TYR A 104 -19.55 -20.28 -30.65
C TYR A 104 -19.88 -21.74 -30.34
N ASN A 105 -19.80 -22.11 -29.06
CA ASN A 105 -19.97 -23.49 -28.62
C ASN A 105 -21.35 -23.75 -28.01
N LYS A 106 -21.93 -24.90 -28.34
CA LYS A 106 -23.21 -25.31 -27.75
C LYS A 106 -23.02 -25.64 -26.28
N TRP A 107 -24.10 -25.60 -25.50
CA TRP A 107 -23.93 -25.83 -24.08
C TRP A 107 -23.29 -27.18 -23.75
N GLU A 108 -23.67 -28.26 -24.44
CA GLU A 108 -23.07 -29.55 -24.07
C GLU A 108 -21.55 -29.48 -24.20
N THR A 109 -21.13 -28.69 -25.19
CA THR A 109 -19.70 -28.49 -25.49
C THR A 109 -19.01 -27.68 -24.41
N ILE A 110 -19.66 -26.57 -24.03
CA ILE A 110 -19.13 -25.73 -22.95
C ILE A 110 -19.13 -26.49 -21.63
N GLU A 111 -20.20 -27.22 -21.36
CA GLU A 111 -20.21 -28.04 -20.13
C GLU A 111 -19.07 -29.03 -20.08
N ALA A 112 -18.85 -29.77 -21.17
CA ALA A 112 -17.73 -30.72 -21.17
C ALA A 112 -16.39 -30.00 -21.04
N TRP A 113 -16.30 -28.82 -21.63
CA TRP A 113 -15.09 -28.01 -21.56
C TRP A 113 -14.82 -27.58 -20.12
N THR A 114 -15.85 -27.19 -19.36
CA THR A 114 -15.60 -26.74 -17.98
C THR A 114 -14.96 -27.88 -17.18
N GLN A 115 -15.37 -29.12 -17.43
CA GLN A 115 -14.75 -30.25 -16.74
C GLN A 115 -13.34 -30.53 -17.25
N GLN A 116 -13.17 -30.50 -18.58
CA GLN A 116 -11.86 -30.78 -19.14
C GLN A 116 -10.82 -29.75 -18.76
N VAL A 117 -11.21 -28.47 -18.75
CA VAL A 117 -10.19 -27.45 -18.42
C VAL A 117 -9.81 -27.53 -16.94
N ALA A 118 -10.75 -27.92 -16.07
CA ALA A 118 -10.44 -28.12 -14.65
C ALA A 118 -9.57 -29.36 -14.42
N THR A 119 -9.86 -30.45 -15.11
CA THR A 119 -9.09 -31.68 -14.94
C THR A 119 -7.66 -31.49 -15.43
N GLU A 120 -7.51 -30.74 -16.54
CA GLU A 120 -6.20 -30.61 -17.16
C GLU A 120 -5.35 -29.56 -16.44
N ASN A 121 -5.95 -28.68 -15.66
CA ASN A 121 -5.19 -27.64 -14.96
C ASN A 121 -5.60 -27.54 -13.49
N PRO A 122 -5.48 -28.64 -12.77
CA PRO A 122 -6.10 -28.71 -11.44
C PRO A 122 -5.46 -27.75 -10.44
N ALA A 123 -4.23 -27.31 -10.65
CA ALA A 123 -3.56 -26.35 -9.77
C ALA A 123 -4.04 -24.92 -9.99
N LEU A 124 -4.70 -24.65 -11.12
CA LEU A 124 -5.16 -23.30 -11.39
C LEU A 124 -6.68 -23.21 -11.50
N ILE A 125 -7.38 -24.33 -11.70
CA ILE A 125 -8.82 -24.26 -11.96
C ILE A 125 -9.57 -25.35 -11.20
N SER A 126 -10.64 -24.94 -10.51
CA SER A 126 -11.55 -25.92 -9.95
C SER A 126 -12.97 -25.53 -10.36
N ARG A 127 -13.80 -26.55 -10.51
CA ARG A 127 -15.17 -26.32 -10.94
C ARG A 127 -16.10 -26.62 -9.77
N SER A 128 -17.18 -25.84 -9.68
CA SER A 128 -18.21 -26.18 -8.70
C SER A 128 -19.58 -25.98 -9.32
N VAL A 129 -20.63 -26.46 -8.66
CA VAL A 129 -21.98 -26.22 -9.15
C VAL A 129 -22.65 -25.27 -8.18
N ILE A 130 -23.13 -24.12 -8.70
CA ILE A 130 -23.67 -23.18 -7.70
C ILE A 130 -25.19 -23.29 -7.64
N GLY A 131 -25.78 -24.07 -8.54
CA GLY A 131 -27.24 -24.26 -8.46
C GLY A 131 -27.70 -24.98 -9.72
N THR A 132 -29.02 -25.02 -9.92
CA THR A 132 -29.61 -25.74 -11.03
C THR A 132 -30.60 -24.81 -11.73
N THR A 133 -30.66 -24.87 -13.06
CA THR A 133 -31.59 -24.05 -13.80
C THR A 133 -33.03 -24.54 -13.62
N PHE A 134 -33.97 -23.72 -14.08
CA PHE A 134 -35.37 -24.13 -14.08
C PHE A 134 -35.55 -25.51 -14.73
N GLU A 135 -34.87 -25.76 -15.85
CA GLU A 135 -35.06 -27.03 -16.56
C GLU A 135 -34.24 -28.15 -15.95
N GLY A 136 -33.38 -27.82 -14.98
CA GLY A 136 -32.65 -28.86 -14.27
C GLY A 136 -31.19 -29.00 -14.61
N ARG A 137 -30.60 -28.06 -15.36
CA ARG A 137 -29.19 -28.13 -15.70
C ARG A 137 -28.30 -27.61 -14.59
N ALA A 138 -27.18 -28.28 -14.31
CA ALA A 138 -26.21 -27.75 -13.35
C ALA A 138 -25.57 -26.47 -13.85
N ILE A 139 -25.52 -25.45 -12.99
CA ILE A 139 -24.86 -24.18 -13.31
C ILE A 139 -23.43 -24.19 -12.79
N TYR A 140 -22.46 -24.23 -13.69
CA TYR A 140 -21.07 -24.37 -13.27
C TYR A 140 -20.40 -23.01 -13.04
N LEU A 141 -19.50 -23.02 -12.08
CA LEU A 141 -18.63 -21.89 -11.79
C LEU A 141 -17.19 -22.37 -11.77
N LEU A 142 -16.33 -21.67 -12.51
CA LEU A 142 -14.90 -22.00 -12.46
C LEU A 142 -14.20 -21.06 -11.49
N LYS A 143 -13.37 -21.60 -10.61
CA LYS A 143 -12.51 -20.80 -9.76
C LYS A 143 -11.10 -20.82 -10.35
N VAL A 144 -10.61 -19.69 -10.82
CA VAL A 144 -9.34 -19.60 -11.55
C VAL A 144 -8.30 -18.89 -10.69
N GLY A 145 -7.20 -19.55 -10.36
CA GLY A 145 -6.21 -18.94 -9.46
C GLY A 145 -5.40 -20.03 -8.78
N LYS A 146 -4.22 -19.67 -8.31
CA LYS A 146 -3.34 -20.59 -7.57
C LYS A 146 -3.78 -20.60 -6.12
N ALA A 147 -3.92 -21.76 -5.52
CA ALA A 147 -4.39 -21.90 -4.15
C ALA A 147 -3.60 -21.03 -3.19
N GLY A 148 -4.29 -20.36 -2.28
CA GLY A 148 -3.64 -19.52 -1.27
C GLY A 148 -4.58 -19.26 -0.11
N GLN A 149 -4.06 -18.71 0.98
CA GLN A 149 -4.94 -18.46 2.12
C GLN A 149 -5.49 -17.04 2.05
N ASN A 150 -6.76 -16.93 2.41
CA ASN A 150 -7.47 -15.67 2.49
C ASN A 150 -7.28 -14.80 1.24
N LYS A 151 -7.43 -15.40 0.07
CA LYS A 151 -7.30 -14.60 -1.15
C LYS A 151 -8.53 -13.74 -1.43
N PRO A 152 -8.29 -12.53 -1.89
CA PRO A 152 -9.41 -11.75 -2.44
C PRO A 152 -9.85 -12.35 -3.76
N ALA A 153 -11.08 -12.01 -4.16
CA ALA A 153 -11.63 -12.59 -5.38
C ALA A 153 -12.31 -11.52 -6.25
N ILE A 154 -12.31 -11.81 -7.55
CA ILE A 154 -13.12 -11.11 -8.52
C ILE A 154 -14.14 -12.08 -9.12
N PHE A 155 -15.39 -11.64 -9.17
CA PHE A 155 -16.48 -12.42 -9.68
C PHE A 155 -16.84 -11.91 -11.06
N MET A 156 -16.86 -12.78 -12.07
CA MET A 156 -17.20 -12.35 -13.43
C MET A 156 -18.21 -13.33 -14.01
N ASP A 157 -19.35 -12.81 -14.51
CA ASP A 157 -20.28 -13.75 -15.13
C ASP A 157 -20.57 -13.37 -16.59
N CYS A 158 -20.99 -14.37 -17.34
CA CYS A 158 -21.38 -14.25 -18.73
C CYS A 158 -22.71 -14.98 -18.96
N GLY A 159 -23.34 -14.75 -20.09
CA GLY A 159 -24.51 -15.49 -20.51
C GLY A 159 -25.77 -15.23 -19.71
N PHE A 160 -25.99 -14.00 -19.23
CA PHE A 160 -27.31 -13.64 -18.71
C PHE A 160 -28.37 -13.68 -19.81
N HIS A 161 -28.09 -12.94 -20.89
CA HIS A 161 -29.05 -12.89 -21.99
C HIS A 161 -28.67 -13.92 -23.06
N ALA A 162 -29.61 -14.83 -23.30
CA ALA A 162 -29.37 -16.02 -24.08
C ALA A 162 -28.72 -15.68 -25.43
N ARG A 163 -29.19 -14.66 -26.14
CA ARG A 163 -28.75 -14.44 -27.53
C ARG A 163 -27.39 -13.75 -27.66
N GLU A 164 -26.80 -13.28 -26.55
CA GLU A 164 -25.56 -12.52 -26.55
C GLU A 164 -24.36 -13.46 -26.52
N TRP A 165 -24.16 -14.15 -27.63
CA TRP A 165 -23.25 -15.28 -27.66
C TRP A 165 -21.80 -14.88 -27.45
N ILE A 166 -21.43 -13.64 -27.78
CA ILE A 166 -20.03 -13.24 -27.55
C ILE A 166 -19.68 -13.23 -26.05
N SER A 167 -20.69 -13.13 -25.18
CA SER A 167 -20.38 -13.05 -23.74
C SER A 167 -19.87 -14.38 -23.21
N PRO A 168 -20.57 -15.51 -23.30
CA PRO A 168 -19.94 -16.79 -22.90
C PRO A 168 -18.62 -17.02 -23.63
N ALA A 169 -18.50 -16.57 -24.90
CA ALA A 169 -17.24 -16.82 -25.59
C ALA A 169 -16.12 -16.10 -24.86
N PHE A 170 -16.41 -14.89 -24.35
CA PHE A 170 -15.38 -14.16 -23.63
C PHE A 170 -15.00 -14.87 -22.32
N CYS A 171 -15.99 -15.36 -21.56
CA CYS A 171 -15.62 -16.08 -20.34
C CYS A 171 -14.69 -17.23 -20.65
N GLN A 172 -14.92 -17.93 -21.77
CA GLN A 172 -14.05 -19.05 -22.13
C GLN A 172 -12.66 -18.57 -22.51
N TRP A 173 -12.58 -17.47 -23.26
CA TRP A 173 -11.29 -16.91 -23.67
C TRP A 173 -10.46 -16.48 -22.46
N PHE A 174 -11.15 -15.90 -21.47
CA PHE A 174 -10.43 -15.54 -20.25
C PHE A 174 -9.72 -16.77 -19.68
N VAL A 175 -10.45 -17.89 -19.59
CA VAL A 175 -9.81 -19.08 -19.00
C VAL A 175 -8.69 -19.61 -19.89
N ARG A 176 -8.90 -19.56 -21.21
CA ARG A 176 -7.85 -19.86 -22.18
C ARG A 176 -6.55 -19.13 -21.89
N GLU A 177 -6.68 -17.81 -21.76
CA GLU A 177 -5.51 -16.96 -21.60
C GLU A 177 -4.86 -17.18 -20.23
N ALA A 178 -5.69 -17.37 -19.20
CA ALA A 178 -5.14 -17.72 -17.89
C ALA A 178 -4.26 -18.96 -17.97
N VAL A 179 -4.77 -20.03 -18.58
CA VAL A 179 -4.04 -21.30 -18.66
C VAL A 179 -2.82 -21.25 -19.57
N ARG A 180 -2.95 -20.47 -20.63
CA ARG A 180 -1.92 -20.35 -21.65
C ARG A 180 -0.75 -19.50 -21.16
N THR A 181 -1.02 -18.50 -20.30
CA THR A 181 0.05 -17.54 -20.01
C THR A 181 0.49 -17.53 -18.56
N TYR A 182 -0.24 -18.18 -17.65
CA TYR A 182 0.28 -18.29 -16.29
C TYR A 182 1.66 -18.94 -16.31
N GLY A 183 2.61 -18.36 -15.59
CA GLY A 183 3.94 -18.94 -15.45
C GLY A 183 4.85 -18.50 -16.58
N ARG A 184 4.28 -17.80 -17.56
CA ARG A 184 5.03 -17.34 -18.72
C ARG A 184 5.07 -15.83 -18.78
N GLU A 185 4.05 -15.22 -18.18
CA GLU A 185 3.87 -13.78 -18.17
C GLU A 185 3.71 -13.34 -16.72
N ILE A 186 4.60 -12.47 -16.27
CA ILE A 186 4.60 -12.17 -14.83
C ILE A 186 3.31 -11.54 -14.36
N GLN A 187 2.68 -10.65 -15.14
CA GLN A 187 1.44 -10.04 -14.68
C GLN A 187 0.36 -11.08 -14.42
N VAL A 188 0.19 -12.01 -15.37
CA VAL A 188 -0.85 -13.03 -15.16
C VAL A 188 -0.46 -13.98 -14.03
N THR A 189 0.82 -14.30 -13.94
CA THR A 189 1.24 -15.13 -12.81
C THR A 189 0.91 -14.47 -11.49
N GLU A 190 1.20 -13.17 -11.35
CA GLU A 190 0.91 -12.46 -10.13
C GLU A 190 -0.59 -12.30 -9.89
N LEU A 191 -1.34 -12.03 -10.95
CA LEU A 191 -2.79 -11.89 -10.74
C LEU A 191 -3.38 -13.19 -10.23
N LEU A 192 -2.98 -14.33 -10.81
CA LEU A 192 -3.63 -15.58 -10.40
C LEU A 192 -3.04 -16.08 -9.09
N ASN A 193 -1.83 -15.64 -8.76
CA ASN A 193 -1.26 -15.97 -7.44
C ASN A 193 -1.94 -15.16 -6.35
N LYS A 194 -2.40 -13.95 -6.66
CA LYS A 194 -2.86 -13.05 -5.61
C LYS A 194 -4.38 -12.94 -5.54
N LEU A 195 -5.05 -13.25 -6.63
CA LEU A 195 -6.49 -13.20 -6.70
C LEU A 195 -7.05 -14.56 -7.09
N ASP A 196 -8.29 -14.81 -6.69
CA ASP A 196 -9.11 -15.84 -7.33
C ASP A 196 -10.10 -15.14 -8.27
N PHE A 197 -10.30 -15.71 -9.43
CA PHE A 197 -11.38 -15.23 -10.29
C PHE A 197 -12.46 -16.30 -10.33
N TYR A 198 -13.65 -15.97 -9.89
CA TYR A 198 -14.79 -16.82 -10.14
C TYR A 198 -15.36 -16.44 -11.50
N VAL A 199 -15.41 -17.39 -12.42
CA VAL A 199 -15.89 -17.17 -13.78
C VAL A 199 -17.09 -18.06 -14.04
N LEU A 200 -18.21 -17.45 -14.38
CA LEU A 200 -19.45 -18.18 -14.62
C LEU A 200 -19.72 -18.14 -16.11
N PRO A 201 -19.37 -19.18 -16.87
CA PRO A 201 -19.42 -18.99 -18.33
C PRO A 201 -20.81 -18.79 -18.92
N VAL A 202 -21.84 -19.48 -18.42
CA VAL A 202 -23.21 -19.21 -18.84
C VAL A 202 -24.13 -19.30 -17.62
N LEU A 203 -24.79 -18.20 -17.28
CA LEU A 203 -25.76 -18.26 -16.19
C LEU A 203 -27.09 -18.82 -16.69
N ASN A 204 -27.58 -18.20 -17.76
CA ASN A 204 -28.89 -18.56 -18.31
C ASN A 204 -28.75 -19.71 -19.31
N ILE A 205 -28.43 -20.89 -18.76
CA ILE A 205 -28.16 -22.05 -19.63
C ILE A 205 -29.40 -22.48 -20.39
N ASP A 206 -30.58 -22.45 -19.75
CA ASP A 206 -31.79 -22.92 -20.46
C ASP A 206 -32.08 -22.05 -21.67
N GLY A 207 -31.93 -20.73 -21.48
CA GLY A 207 -32.17 -19.81 -22.57
C GLY A 207 -31.13 -19.97 -23.67
N TYR A 208 -29.86 -20.12 -23.27
CA TYR A 208 -28.76 -20.30 -24.21
C TYR A 208 -29.03 -21.48 -25.13
N ILE A 209 -29.40 -22.61 -24.52
CA ILE A 209 -29.75 -23.79 -25.30
C ILE A 209 -30.88 -23.49 -26.29
N TYR A 210 -31.87 -22.76 -25.79
CA TYR A 210 -33.04 -22.41 -26.61
C TYR A 210 -32.63 -21.61 -27.82
N THR A 211 -31.58 -20.78 -27.67
CA THR A 211 -31.19 -19.99 -28.84
C THR A 211 -30.55 -20.85 -29.93
N TRP A 212 -30.08 -22.02 -29.53
CA TRP A 212 -29.47 -22.96 -30.46
C TRP A 212 -30.49 -23.93 -31.06
N THR A 213 -31.60 -24.13 -30.35
CA THR A 213 -32.52 -25.19 -30.77
C THR A 213 -33.79 -24.65 -31.40
N LYS A 214 -34.28 -23.52 -30.91
CA LYS A 214 -35.59 -23.06 -31.36
C LYS A 214 -35.69 -21.58 -31.72
N SER A 215 -34.98 -20.71 -31.00
CA SER A 215 -35.25 -19.26 -31.17
C SER A 215 -33.99 -18.44 -30.99
N ARG A 216 -33.28 -18.13 -32.08
CA ARG A 216 -31.97 -17.49 -31.97
C ARG A 216 -32.01 -16.18 -31.19
N PHE A 217 -33.14 -15.47 -31.25
CA PHE A 217 -33.15 -14.13 -30.62
C PHE A 217 -33.82 -14.12 -29.26
N TRP A 218 -34.03 -15.29 -28.68
CA TRP A 218 -34.57 -15.36 -27.32
C TRP A 218 -33.60 -14.73 -26.32
N ARG A 219 -34.07 -14.14 -25.23
CA ARG A 219 -33.13 -13.51 -24.31
C ARG A 219 -33.37 -13.93 -22.86
N LYS A 220 -34.61 -14.22 -22.49
CA LYS A 220 -34.99 -14.49 -21.10
C LYS A 220 -34.59 -15.88 -20.64
N THR A 221 -34.91 -16.19 -19.38
CA THR A 221 -34.85 -17.57 -18.94
C THR A 221 -36.00 -18.37 -19.57
N ARG A 222 -36.15 -19.61 -19.10
CA ARG A 222 -37.18 -20.48 -19.65
C ARG A 222 -38.16 -20.97 -18.60
N SER A 223 -38.30 -20.22 -17.50
CA SER A 223 -39.24 -20.60 -16.45
C SER A 223 -40.68 -20.45 -16.94
N THR A 224 -41.50 -21.40 -16.48
CA THR A 224 -42.91 -21.34 -16.86
C THR A 224 -43.75 -20.89 -15.67
N HIS A 225 -45.05 -20.75 -15.87
CA HIS A 225 -46.04 -20.40 -14.88
C HIS A 225 -47.19 -21.39 -14.93
N THR A 226 -47.87 -21.63 -13.80
CA THR A 226 -48.98 -22.59 -13.85
C THR A 226 -50.19 -21.96 -14.51
N GLY A 227 -50.24 -20.63 -14.51
CA GLY A 227 -51.36 -19.90 -15.09
C GLY A 227 -51.03 -19.30 -16.43
N SER A 228 -50.15 -18.31 -16.50
CA SER A 228 -49.77 -17.74 -17.77
C SER A 228 -49.14 -18.78 -18.69
N SER A 229 -49.43 -18.68 -19.98
CA SER A 229 -48.74 -19.55 -20.96
C SER A 229 -47.46 -18.87 -21.45
N CYS A 230 -47.17 -17.66 -20.97
CA CYS A 230 -45.90 -17.02 -21.34
C CYS A 230 -44.73 -17.63 -20.61
N ILE A 231 -43.52 -17.44 -21.13
CA ILE A 231 -42.32 -18.08 -20.60
C ILE A 231 -41.17 -17.09 -20.45
N GLY A 232 -40.47 -17.20 -19.33
CA GLY A 232 -39.19 -16.55 -19.15
C GLY A 232 -39.26 -15.22 -18.42
N THR A 233 -38.18 -15.00 -17.68
CA THR A 233 -37.94 -13.73 -16.97
C THR A 233 -36.66 -13.10 -17.48
N ASP A 234 -36.60 -11.77 -17.47
CA ASP A 234 -35.31 -11.15 -17.81
C ASP A 234 -34.39 -11.17 -16.59
N PRO A 235 -33.31 -11.96 -16.65
CA PRO A 235 -32.48 -12.12 -15.44
C PRO A 235 -31.86 -10.80 -15.02
N ASN A 236 -31.61 -9.88 -15.97
CA ASN A 236 -31.07 -8.56 -15.78
CA ASN A 236 -30.95 -8.70 -15.38
C ASN A 236 -31.96 -7.65 -14.92
N ARG A 237 -33.21 -8.04 -14.71
CA ARG A 237 -34.19 -7.21 -14.03
C ARG A 237 -34.72 -7.94 -12.81
N ASN A 238 -34.07 -9.05 -12.44
CA ASN A 238 -34.62 -9.96 -11.44
C ASN A 238 -33.88 -9.84 -10.11
N PHE A 239 -32.94 -8.91 -9.97
CA PHE A 239 -32.19 -8.81 -8.71
C PHE A 239 -32.83 -7.82 -7.76
N ASP A 240 -32.45 -7.91 -6.48
CA ASP A 240 -33.10 -7.14 -5.43
C ASP A 240 -32.48 -5.77 -5.26
N ALA A 241 -32.63 -4.96 -6.30
CA ALA A 241 -32.10 -3.60 -6.38
C ALA A 241 -33.21 -2.73 -6.97
N GLY A 242 -34.00 -2.14 -6.07
CA GLY A 242 -35.19 -1.41 -6.48
C GLY A 242 -36.11 -2.27 -7.35
N TRP A 243 -36.21 -3.55 -7.02
CA TRP A 243 -36.74 -4.57 -7.91
C TRP A 243 -38.08 -4.17 -8.54
N CYS A 244 -38.12 -4.20 -9.86
CA CYS A 244 -39.25 -3.92 -10.72
C CYS A 244 -39.81 -2.52 -10.58
N GLU A 245 -39.12 -1.61 -9.90
CA GLU A 245 -39.75 -0.30 -9.70
C GLU A 245 -39.76 0.53 -10.97
N ILE A 246 -38.70 0.42 -11.78
CA ILE A 246 -38.62 1.25 -12.99
C ILE A 246 -37.87 0.48 -14.09
N GLY A 247 -38.22 0.80 -15.34
CA GLY A 247 -37.62 0.25 -16.53
C GLY A 247 -37.77 -1.23 -16.77
N ALA A 248 -38.74 -1.88 -16.15
CA ALA A 248 -39.06 -3.29 -16.30
C ALA A 248 -40.56 -3.47 -16.49
N SER A 249 -40.95 -4.68 -16.85
CA SER A 249 -42.36 -4.96 -17.08
C SER A 249 -42.91 -5.95 -16.06
N ARG A 250 -44.16 -5.80 -15.66
CA ARG A 250 -44.86 -6.76 -14.83
C ARG A 250 -45.59 -7.81 -15.66
N ASN A 251 -45.54 -7.68 -16.98
CA ASN A 251 -46.26 -8.64 -17.83
C ASN A 251 -45.37 -9.82 -18.18
N PRO A 252 -45.75 -11.03 -17.79
CA PRO A 252 -44.92 -12.21 -18.05
C PRO A 252 -44.56 -12.39 -19.52
N CYS A 253 -45.31 -11.80 -20.43
CA CYS A 253 -45.08 -11.97 -21.85
C CYS A 253 -44.06 -11.00 -22.43
N ASP A 254 -43.65 -9.99 -21.66
CA ASP A 254 -42.72 -8.98 -22.17
C ASP A 254 -41.27 -9.42 -21.99
N GLU A 255 -40.42 -8.90 -22.88
CA GLU A 255 -39.02 -9.31 -22.88
C GLU A 255 -38.32 -8.80 -21.62
N THR A 256 -38.87 -7.76 -21.00
CA THR A 256 -38.24 -7.20 -19.80
C THR A 256 -39.03 -7.50 -18.53
N TYR A 257 -39.79 -8.58 -18.59
CA TYR A 257 -40.49 -9.06 -17.40
C TYR A 257 -39.51 -9.24 -16.24
N CYS A 258 -39.88 -8.68 -15.09
CA CYS A 258 -38.99 -8.65 -13.94
C CYS A 258 -39.13 -9.93 -13.11
N GLY A 259 -40.05 -10.82 -13.50
CA GLY A 259 -40.33 -12.01 -12.72
C GLY A 259 -41.46 -11.79 -11.73
N PRO A 260 -41.99 -12.87 -11.16
CA PRO A 260 -43.06 -12.75 -10.19
C PRO A 260 -42.55 -12.35 -8.81
N ALA A 261 -41.25 -12.36 -8.59
CA ALA A 261 -40.63 -11.89 -7.36
C ALA A 261 -39.14 -11.61 -7.57
N ALA A 262 -38.55 -10.78 -6.73
CA ALA A 262 -37.09 -10.63 -6.78
C ALA A 262 -36.45 -12.00 -6.59
N GLU A 263 -35.42 -12.31 -7.35
CA GLU A 263 -34.71 -13.58 -7.26
C GLU A 263 -35.64 -14.77 -7.47
N SER A 264 -36.71 -14.57 -8.23
CA SER A 264 -37.62 -15.67 -8.54
C SER A 264 -36.97 -16.76 -9.39
N GLU A 265 -36.00 -16.40 -10.23
CA GLU A 265 -35.37 -17.38 -11.12
C GLU A 265 -34.34 -18.20 -10.35
N LYS A 266 -34.34 -19.51 -10.58
CA LYS A 266 -33.36 -20.36 -9.90
C LYS A 266 -31.95 -19.87 -10.18
N GLU A 267 -31.74 -19.36 -11.41
CA GLU A 267 -30.40 -18.99 -11.82
C GLU A 267 -29.90 -17.76 -11.08
N THR A 268 -30.78 -16.74 -10.97
CA THR A 268 -30.36 -15.52 -10.30
C THR A 268 -30.30 -15.75 -8.79
N LYS A 269 -31.20 -16.56 -8.26
CA LYS A 269 -31.09 -16.93 -6.84
C LYS A 269 -29.75 -17.61 -6.56
N ALA A 270 -29.31 -18.50 -7.46
CA ALA A 270 -28.06 -19.24 -7.27
C ALA A 270 -26.88 -18.27 -7.21
N LEU A 271 -26.86 -17.32 -8.15
CA LEU A 271 -25.84 -16.26 -8.20
C LEU A 271 -25.87 -15.42 -6.94
N ALA A 272 -27.05 -14.91 -6.55
CA ALA A 272 -27.17 -14.02 -5.42
C ALA A 272 -26.79 -14.76 -4.14
N ASP A 273 -27.19 -16.01 -4.03
CA ASP A 273 -26.81 -16.82 -2.88
C ASP A 273 -25.29 -16.99 -2.77
N PHE A 274 -24.65 -17.21 -3.91
CA PHE A 274 -23.21 -17.41 -3.92
C PHE A 274 -22.53 -16.12 -3.48
N ILE A 275 -22.95 -15.01 -4.07
CA ILE A 275 -22.30 -13.74 -3.68
C ILE A 275 -22.52 -13.39 -2.22
N ARG A 276 -23.74 -13.58 -1.72
CA ARG A 276 -23.98 -13.43 -0.28
C ARG A 276 -23.01 -14.28 0.52
N ASN A 277 -22.80 -15.52 0.10
CA ASN A 277 -21.94 -16.42 0.88
C ASN A 277 -20.47 -16.03 0.81
N LYS A 278 -20.03 -15.43 -0.30
CA LYS A 278 -18.60 -15.13 -0.48
C LYS A 278 -18.32 -13.63 -0.38
N LEU A 279 -19.29 -12.93 0.21
CA LEU A 279 -19.19 -11.47 0.26
C LEU A 279 -17.89 -11.00 0.89
N SER A 280 -17.37 -11.69 1.92
CA SER A 280 -16.15 -11.13 2.54
C SER A 280 -14.92 -11.27 1.66
N SER A 281 -14.93 -12.11 0.63
CA SER A 281 -13.77 -12.25 -0.25
C SER A 281 -13.96 -11.55 -1.58
N ILE A 282 -15.19 -11.32 -2.06
CA ILE A 282 -15.29 -10.76 -3.41
C ILE A 282 -15.11 -9.25 -3.38
N LYS A 283 -14.16 -8.74 -4.15
CA LYS A 283 -13.83 -7.32 -4.15
C LYS A 283 -14.27 -6.60 -5.40
N ALA A 284 -14.64 -7.32 -6.44
CA ALA A 284 -15.12 -6.70 -7.66
C ALA A 284 -16.11 -7.66 -8.33
N TYR A 285 -17.09 -7.07 -8.99
CA TYR A 285 -18.12 -7.81 -9.72
C TYR A 285 -18.16 -7.30 -11.15
N LEU A 286 -17.99 -8.21 -12.11
CA LEU A 286 -17.90 -7.86 -13.53
C LEU A 286 -18.91 -8.69 -14.29
N THR A 287 -19.79 -8.04 -15.05
CA THR A 287 -20.81 -8.83 -15.76
C THR A 287 -20.75 -8.47 -17.24
N ILE A 288 -20.73 -9.51 -18.07
CA ILE A 288 -20.36 -9.41 -19.48
C ILE A 288 -21.58 -9.63 -20.36
N HIS A 289 -21.84 -8.64 -21.19
CA HIS A 289 -23.02 -8.57 -22.04
C HIS A 289 -22.57 -8.16 -23.45
N SER A 290 -23.55 -8.09 -24.35
CA SER A 290 -23.34 -7.44 -25.64
C SER A 290 -24.65 -6.87 -26.16
N TYR A 291 -24.64 -6.05 -27.19
CA TYR A 291 -23.56 -5.33 -27.84
C TYR A 291 -23.63 -3.84 -27.50
N SER A 292 -22.64 -3.06 -27.89
CA SER A 292 -22.62 -1.61 -28.00
C SER A 292 -21.32 -0.98 -27.50
N GLN A 293 -20.42 -1.77 -26.96
CA GLN A 293 -19.08 -1.25 -26.64
C GLN A 293 -19.18 -0.16 -25.58
N MET A 294 -19.58 -0.61 -24.39
CA MET A 294 -19.67 0.25 -23.22
C MET A 294 -19.17 -0.44 -21.95
N MET A 295 -18.71 0.41 -21.06
CA MET A 295 -18.33 0.04 -19.69
C MET A 295 -19.10 0.94 -18.72
N ILE A 296 -20.05 0.30 -18.04
CA ILE A 296 -21.08 0.94 -17.22
C ILE A 296 -20.88 0.62 -15.74
N TYR A 297 -21.06 1.62 -14.88
CA TYR A 297 -20.97 1.38 -13.45
C TYR A 297 -22.22 1.91 -12.76
N PRO A 298 -22.48 1.55 -11.51
CA PRO A 298 -23.71 2.01 -10.85
C PRO A 298 -23.78 3.52 -10.66
N TYR A 299 -25.02 4.03 -10.55
CA TYR A 299 -26.24 3.26 -10.49
C TYR A 299 -27.08 3.32 -11.76
N SER A 300 -27.79 2.22 -12.04
CA SER A 300 -28.82 2.20 -13.07
C SER A 300 -30.21 2.40 -12.48
N TYR A 301 -30.48 1.93 -11.27
CA TYR A 301 -31.86 2.04 -10.78
C TYR A 301 -32.27 3.43 -10.32
N ALA A 302 -31.32 4.37 -10.23
CA ALA A 302 -31.58 5.66 -9.63
C ALA A 302 -30.57 6.68 -10.13
N TYR A 303 -30.96 7.95 -10.11
CA TYR A 303 -30.08 9.07 -10.40
C TYR A 303 -29.31 9.43 -9.14
N LYS A 304 -28.48 8.48 -8.71
CA LYS A 304 -27.56 8.76 -7.62
C LYS A 304 -26.23 8.09 -7.96
N LEU A 305 -25.18 8.50 -7.25
CA LEU A 305 -23.87 7.92 -7.52
C LEU A 305 -23.30 7.32 -6.26
N GLY A 306 -22.39 6.36 -6.40
CA GLY A 306 -21.77 5.78 -5.21
C GLY A 306 -20.76 6.75 -4.63
N GLU A 307 -20.36 6.49 -3.40
CA GLU A 307 -19.32 7.27 -2.74
C GLU A 307 -18.06 7.34 -3.59
N ASN A 308 -17.71 6.25 -4.27
CA ASN A 308 -16.46 6.22 -5.02
C ASN A 308 -16.68 6.44 -6.50
N ASN A 309 -17.77 7.12 -6.88
CA ASN A 309 -18.01 7.30 -8.32
C ASN A 309 -16.88 7.98 -9.06
N ALA A 310 -16.17 8.94 -8.44
CA ALA A 310 -15.09 9.58 -9.21
C ALA A 310 -13.99 8.55 -9.51
N GLU A 311 -13.77 7.64 -8.57
CA GLU A 311 -12.81 6.57 -8.76
C GLU A 311 -13.23 5.64 -9.88
N LEU A 312 -14.53 5.30 -9.88
CA LEU A 312 -15.01 4.41 -10.93
C LEU A 312 -14.89 5.07 -12.31
N ASN A 313 -15.19 6.36 -12.36
CA ASN A 313 -15.10 7.03 -13.66
C ASN A 313 -13.67 7.05 -14.16
N ALA A 314 -12.71 7.39 -13.27
CA ALA A 314 -11.31 7.38 -13.71
C ALA A 314 -10.83 5.99 -14.09
N LEU A 315 -11.26 4.97 -13.35
CA LEU A 315 -10.84 3.60 -13.67
C LEU A 315 -11.46 3.18 -14.99
N ALA A 316 -12.73 3.54 -15.20
CA ALA A 316 -13.33 3.19 -16.50
C ALA A 316 -12.62 3.90 -17.66
N LYS A 317 -12.33 5.19 -17.48
CA LYS A 317 -11.62 5.94 -18.50
C LYS A 317 -10.30 5.27 -18.89
N ALA A 318 -9.54 4.83 -17.88
CA ALA A 318 -8.24 4.21 -18.13
C ALA A 318 -8.38 2.83 -18.75
N THR A 319 -9.43 2.13 -18.31
CA THR A 319 -9.69 0.78 -18.82
C THR A 319 -10.03 0.82 -20.31
N VAL A 320 -10.90 1.75 -20.71
CA VAL A 320 -11.27 1.76 -22.13
C VAL A 320 -10.11 2.23 -22.98
N LYS A 321 -9.21 3.04 -22.43
CA LYS A 321 -8.01 3.37 -23.18
C LYS A 321 -7.10 2.16 -23.38
N GLU A 322 -6.94 1.37 -22.31
CA GLU A 322 -6.16 0.14 -22.45
C GLU A 322 -6.79 -0.78 -23.48
N LEU A 323 -8.11 -0.88 -23.42
CA LEU A 323 -8.80 -1.73 -24.40
C LEU A 323 -8.50 -1.28 -25.83
N ALA A 324 -8.61 0.01 -26.12
CA ALA A 324 -8.44 0.53 -27.47
C ALA A 324 -7.01 0.38 -27.98
N SER A 325 -6.05 0.19 -27.07
CA SER A 325 -4.67 0.22 -27.50
C SER A 325 -4.34 -0.92 -28.46
N LEU A 326 -5.07 -2.02 -28.41
CA LEU A 326 -4.70 -3.20 -29.19
C LEU A 326 -5.22 -3.13 -30.62
N HIS A 327 -6.52 -2.90 -30.77
CA HIS A 327 -7.17 -2.98 -32.08
C HIS A 327 -7.92 -1.70 -32.42
N GLY A 328 -7.80 -0.68 -31.58
CA GLY A 328 -8.37 0.61 -31.81
C GLY A 328 -9.83 0.72 -31.45
N THR A 329 -10.39 -0.32 -30.83
CA THR A 329 -11.83 -0.34 -30.56
C THR A 329 -12.23 0.69 -29.51
N LYS A 330 -13.27 1.46 -29.83
CA LYS A 330 -13.71 2.55 -28.96
C LYS A 330 -14.92 2.21 -28.11
N TYR A 331 -14.74 2.28 -26.80
CA TYR A 331 -15.80 2.09 -25.82
C TYR A 331 -16.23 3.43 -25.21
N THR A 332 -17.49 3.53 -24.85
CA THR A 332 -17.90 4.66 -24.01
C THR A 332 -18.14 4.14 -22.60
N TYR A 333 -18.25 5.04 -21.65
CA TYR A 333 -18.43 4.62 -20.26
C TYR A 333 -19.20 5.65 -19.44
N GLY A 334 -19.70 5.27 -18.28
CA GLY A 334 -20.33 6.17 -17.35
C GLY A 334 -21.33 5.44 -16.46
N PRO A 335 -22.04 6.16 -15.59
CA PRO A 335 -23.02 5.50 -14.70
C PRO A 335 -24.25 5.12 -15.52
N GLY A 336 -24.88 3.99 -15.20
CA GLY A 336 -25.89 3.45 -16.08
C GLY A 336 -27.11 4.34 -16.28
N ALA A 337 -27.56 5.00 -15.21
CA ALA A 337 -28.85 5.70 -15.31
C ALA A 337 -28.79 6.79 -16.39
N THR A 338 -27.64 7.46 -16.47
CA THR A 338 -27.55 8.57 -17.40
C THR A 338 -26.84 8.16 -18.69
N THR A 339 -26.05 7.10 -18.66
CA THR A 339 -25.31 6.70 -19.85
C THR A 339 -26.20 5.88 -20.80
N ILE A 340 -27.03 5.07 -20.17
CA ILE A 340 -27.99 4.22 -20.88
C ILE A 340 -29.39 4.72 -20.57
N TYR A 341 -29.98 4.23 -19.49
CA TYR A 341 -31.30 4.70 -19.08
C TYR A 341 -31.64 4.11 -17.72
N PRO A 342 -32.50 4.70 -16.93
CA PRO A 342 -32.77 4.10 -15.62
C PRO A 342 -33.47 2.75 -15.78
N ALA A 343 -32.97 1.77 -15.02
CA ALA A 343 -33.62 0.47 -14.99
C ALA A 343 -33.28 -0.23 -13.68
N ALA A 344 -34.30 -0.84 -13.06
CA ALA A 344 -34.11 -1.51 -11.79
C ALA A 344 -33.80 -2.99 -11.97
N GLY A 345 -33.30 -3.59 -10.87
CA GLY A 345 -33.18 -5.03 -10.85
C GLY A 345 -31.89 -5.60 -11.39
N GLY A 346 -30.89 -4.77 -11.68
CA GLY A 346 -29.65 -5.27 -12.28
C GLY A 346 -28.68 -5.85 -11.26
N SER A 347 -27.93 -6.87 -11.68
CA SER A 347 -27.01 -7.53 -10.75
C SER A 347 -25.84 -6.63 -10.37
N ASP A 348 -25.42 -5.77 -11.28
CA ASP A 348 -24.31 -4.85 -11.00
C ASP A 348 -24.65 -3.89 -9.86
N ASP A 349 -25.86 -3.34 -9.91
CA ASP A 349 -26.30 -2.41 -8.85
C ASP A 349 -26.44 -3.21 -7.56
N TRP A 350 -27.02 -4.39 -7.66
CA TRP A 350 -27.24 -5.22 -6.46
C TRP A 350 -25.92 -5.53 -5.78
N ALA A 351 -24.94 -5.95 -6.58
CA ALA A 351 -23.61 -6.30 -6.06
C ALA A 351 -22.97 -5.10 -5.35
N TYR A 352 -23.09 -3.94 -6.02
CA TYR A 352 -22.54 -2.72 -5.46
C TYR A 352 -23.20 -2.40 -4.12
N ASP A 353 -24.53 -2.58 -4.05
CA ASP A 353 -25.23 -2.32 -2.78
C ASP A 353 -24.92 -3.34 -1.71
N GLN A 354 -24.32 -4.46 -2.06
CA GLN A 354 -23.86 -5.42 -1.05
C GLN A 354 -22.50 -5.03 -0.49
N GLY A 355 -21.85 -4.03 -1.10
CA GLY A 355 -20.58 -3.54 -0.59
C GLY A 355 -19.42 -3.83 -1.52
N ILE A 356 -19.72 -4.42 -2.69
CA ILE A 356 -18.66 -4.67 -3.66
C ILE A 356 -18.39 -3.38 -4.42
N ARG A 357 -17.26 -2.74 -4.12
CA ARG A 357 -17.00 -1.36 -4.52
C ARG A 357 -16.68 -1.18 -5.99
N TYR A 358 -16.21 -2.24 -6.65
CA TYR A 358 -15.87 -2.16 -8.08
C TYR A 358 -16.87 -3.07 -8.80
N SER A 359 -17.85 -2.44 -9.43
CA SER A 359 -18.91 -3.22 -10.08
C SER A 359 -19.10 -2.67 -11.48
N PHE A 360 -18.97 -3.50 -12.50
CA PHE A 360 -19.04 -3.00 -13.86
C PHE A 360 -19.78 -3.99 -14.75
N THR A 361 -20.56 -3.40 -15.65
CA THR A 361 -21.15 -4.09 -16.78
C THR A 361 -20.31 -3.77 -18.02
N PHE A 362 -19.87 -4.80 -18.73
CA PHE A 362 -19.27 -4.59 -20.04
C PHE A 362 -20.22 -5.05 -21.15
N GLU A 363 -20.43 -4.17 -22.11
CA GLU A 363 -21.19 -4.54 -23.30
C GLU A 363 -20.18 -4.64 -24.46
N LEU A 364 -19.97 -5.84 -24.98
CA LEU A 364 -18.88 -6.02 -25.93
C LEU A 364 -19.25 -5.61 -27.35
N ARG A 365 -18.41 -5.99 -28.32
CA ARG A 365 -18.65 -5.63 -29.72
C ARG A 365 -19.97 -6.21 -30.22
N ASP A 366 -20.57 -5.63 -31.26
CA ASP A 366 -20.05 -4.44 -31.95
C ASP A 366 -20.91 -3.23 -31.63
N THR A 367 -21.11 -2.31 -32.58
CA THR A 367 -22.02 -1.21 -32.28
C THR A 367 -23.32 -1.28 -33.07
N GLY A 368 -23.63 -2.44 -33.67
CA GLY A 368 -24.89 -2.68 -34.32
C GLY A 368 -24.79 -3.20 -35.73
N ARG A 369 -23.59 -3.20 -36.32
CA ARG A 369 -23.51 -3.69 -37.69
C ARG A 369 -23.96 -5.15 -37.77
N TYR A 370 -23.50 -5.94 -36.80
CA TYR A 370 -23.92 -7.33 -36.68
C TYR A 370 -24.76 -7.52 -35.42
N GLY A 371 -24.59 -6.64 -34.43
CA GLY A 371 -25.31 -6.86 -33.19
C GLY A 371 -25.00 -8.21 -32.56
N PHE A 372 -26.02 -8.96 -32.17
CA PHE A 372 -25.82 -10.26 -31.53
C PHE A 372 -25.21 -11.29 -32.47
N LEU A 373 -25.18 -10.98 -33.75
CA LEU A 373 -24.74 -11.96 -34.72
C LEU A 373 -23.27 -11.77 -35.09
N LEU A 374 -22.53 -11.09 -34.21
CA LEU A 374 -21.08 -10.90 -34.38
C LEU A 374 -20.40 -12.18 -34.86
N PRO A 375 -19.73 -12.17 -36.02
CA PRO A 375 -19.20 -13.42 -36.55
C PRO A 375 -18.09 -14.04 -35.71
N GLU A 376 -18.00 -15.37 -35.82
CA GLU A 376 -16.92 -16.11 -35.17
C GLU A 376 -15.56 -15.51 -35.53
N SER A 377 -15.41 -14.96 -36.73
CA SER A 377 -14.12 -14.42 -37.16
C SER A 377 -13.72 -13.18 -36.35
N GLN A 378 -14.62 -12.65 -35.54
CA GLN A 378 -14.27 -11.54 -34.66
C GLN A 378 -14.13 -11.97 -33.20
N ILE A 379 -14.32 -13.24 -32.88
CA ILE A 379 -14.20 -13.67 -31.48
C ILE A 379 -12.82 -13.37 -30.92
N ARG A 380 -11.77 -13.76 -31.63
CA ARG A 380 -10.43 -13.58 -31.08
C ARG A 380 -10.14 -12.10 -30.81
N ALA A 381 -10.35 -11.25 -31.80
CA ALA A 381 -10.02 -9.84 -31.62
C ALA A 381 -10.83 -9.21 -30.49
N THR A 382 -12.12 -9.53 -30.45
CA THR A 382 -12.97 -9.01 -29.39
C THR A 382 -12.45 -9.46 -28.02
N CYS A 383 -12.14 -10.76 -27.95
CA CYS A 383 -11.77 -11.29 -26.63
C CYS A 383 -10.38 -10.85 -26.20
N GLU A 384 -9.45 -10.68 -27.16
CA GLU A 384 -8.11 -10.20 -26.85
C GLU A 384 -8.14 -8.84 -26.16
N GLU A 385 -8.90 -7.92 -26.78
CA GLU A 385 -8.96 -6.56 -26.25
C GLU A 385 -9.72 -6.55 -24.93
N THR A 386 -10.78 -7.35 -24.82
CA THR A 386 -11.53 -7.41 -23.57
C THR A 386 -10.66 -7.97 -22.45
N PHE A 387 -9.85 -8.97 -22.77
CA PHE A 387 -8.95 -9.55 -21.79
C PHE A 387 -7.99 -8.51 -21.22
N LEU A 388 -7.48 -7.61 -22.07
CA LEU A 388 -6.62 -6.51 -21.61
C LEU A 388 -7.36 -5.65 -20.59
N ALA A 389 -8.64 -5.36 -20.86
CA ALA A 389 -9.44 -4.56 -19.93
C ALA A 389 -9.64 -5.26 -18.61
N ILE A 390 -9.97 -6.56 -18.60
CA ILE A 390 -10.21 -7.28 -17.36
C ILE A 390 -8.91 -7.35 -16.56
N LYS A 391 -7.77 -7.62 -17.20
CA LYS A 391 -6.48 -7.59 -16.51
C LYS A 391 -6.20 -6.22 -15.90
N TYR A 392 -6.57 -5.16 -16.62
CA TYR A 392 -6.31 -3.81 -16.10
C TYR A 392 -7.09 -3.58 -14.81
N VAL A 393 -8.38 -3.91 -14.87
CA VAL A 393 -9.24 -3.76 -13.71
C VAL A 393 -8.75 -4.61 -12.55
N ALA A 394 -8.41 -5.87 -12.84
CA ALA A 394 -8.00 -6.77 -11.76
C ALA A 394 -6.73 -6.23 -11.09
N SER A 395 -5.80 -5.74 -11.90
CA SER A 395 -4.55 -5.22 -11.36
C SER A 395 -4.82 -4.02 -10.48
N TYR A 396 -5.73 -3.16 -10.90
CA TYR A 396 -6.15 -2.01 -10.09
C TYR A 396 -6.71 -2.45 -8.75
N VAL A 397 -7.64 -3.42 -8.82
CA VAL A 397 -8.28 -3.88 -7.59
C VAL A 397 -7.23 -4.40 -6.62
N LEU A 398 -6.26 -5.17 -7.12
CA LEU A 398 -5.18 -5.58 -6.23
C LEU A 398 -4.46 -4.44 -5.52
N GLU A 399 -4.40 -3.25 -6.12
CA GLU A 399 -3.69 -2.12 -5.54
C GLU A 399 -4.61 -1.32 -4.61
N HIS A 400 -5.87 -1.73 -4.52
CA HIS A 400 -6.91 -0.98 -3.82
C HIS A 400 -7.78 -1.92 -3.00
N LEU A 401 -7.13 -2.85 -2.34
CA LEU A 401 -7.88 -3.86 -1.59
C LEU A 401 -8.54 -3.24 -0.37
N TYR A 402 -9.59 -3.89 0.12
CA TYR A 402 -10.39 -3.40 1.23
C TYR A 402 -11.14 -4.58 1.84
N HIS B 1 2.16 19.69 30.85
CA HIS B 1 3.29 20.61 30.83
C HIS B 1 4.45 20.00 30.06
N HIS B 2 5.30 20.89 29.54
CA HIS B 2 6.43 20.48 28.72
C HIS B 2 5.98 19.63 27.53
N GLY B 3 4.76 19.88 27.08
CA GLY B 3 4.14 19.19 25.98
C GLY B 3 3.67 17.77 26.28
N GLY B 4 3.66 17.38 27.55
CA GLY B 4 3.27 16.03 27.91
C GLY B 4 1.88 15.72 27.35
N GLU B 5 1.05 16.76 27.34
CA GLU B 5 -0.31 16.67 26.82
C GLU B 5 -0.39 16.02 25.44
N HIS B 6 0.61 16.25 24.61
CA HIS B 6 0.61 15.72 23.26
C HIS B 6 0.80 14.21 23.25
N PHE B 7 1.20 13.63 24.37
CA PHE B 7 1.50 12.20 24.42
C PHE B 7 0.61 11.45 25.38
N GLU B 8 -0.48 12.08 25.82
CA GLU B 8 -1.47 11.37 26.63
C GLU B 8 -1.90 10.08 25.96
N GLY B 9 -1.80 8.97 26.72
CA GLY B 9 -2.29 7.72 26.17
C GLY B 9 -1.27 6.93 25.38
N GLU B 10 -0.17 7.54 24.93
CA GLU B 10 0.78 6.75 24.14
C GLU B 10 1.51 5.77 25.03
N LYS B 11 2.02 4.69 24.44
CA LYS B 11 2.78 3.73 25.25
C LYS B 11 4.04 3.33 24.52
N VAL B 12 5.01 2.89 25.31
CA VAL B 12 6.24 2.37 24.74
C VAL B 12 6.30 0.89 25.12
N PHE B 13 6.42 0.04 24.11
CA PHE B 13 6.47 -1.40 24.21
C PHE B 13 7.89 -1.94 24.05
N ARG B 14 8.18 -3.03 24.74
CA ARG B 14 9.41 -3.79 24.54
C ARG B 14 9.00 -5.21 24.13
N VAL B 15 9.53 -5.66 22.99
CA VAL B 15 9.17 -7.00 22.52
C VAL B 15 10.43 -7.85 22.39
N ASN B 16 10.36 -9.10 22.84
CA ASN B 16 11.39 -10.10 22.67
C ASN B 16 11.20 -10.84 21.35
N VAL B 17 12.20 -10.78 20.48
CA VAL B 17 12.22 -11.50 19.23
C VAL B 17 13.32 -12.56 19.26
N GLU B 18 13.00 -13.80 18.91
CA GLU B 18 13.99 -14.86 18.92
C GLU B 18 14.16 -15.52 17.57
N ASP B 19 13.19 -15.34 16.67
CA ASP B 19 13.26 -15.92 15.34
C ASP B 19 12.64 -14.96 14.34
N GLU B 20 12.76 -15.28 13.05
CA GLU B 20 12.33 -14.35 12.03
C GLU B 20 10.81 -14.23 11.96
N ASN B 21 10.07 -15.24 12.45
CA ASN B 21 8.62 -15.01 12.46
C ASN B 21 8.24 -13.93 13.46
N HIS B 22 8.90 -13.91 14.62
CA HIS B 22 8.62 -12.80 15.53
C HIS B 22 8.93 -11.47 14.86
N ILE B 23 10.09 -11.43 14.19
CA ILE B 23 10.49 -10.18 13.54
C ILE B 23 9.48 -9.80 12.49
N ASN B 24 9.00 -10.78 11.73
CA ASN B 24 8.00 -10.51 10.70
C ASN B 24 6.71 -9.96 11.28
N ILE B 25 6.32 -10.37 12.48
CA ILE B 25 5.11 -9.78 13.07
C ILE B 25 5.34 -8.30 13.36
N ILE B 26 6.53 -7.92 13.82
CA ILE B 26 6.77 -6.50 14.04
C ILE B 26 6.84 -5.75 12.71
N ARG B 27 7.49 -6.38 11.73
CA ARG B 27 7.55 -5.82 10.38
C ARG B 27 6.16 -5.48 9.87
N GLU B 28 5.21 -6.38 10.11
CA GLU B 28 3.83 -6.17 9.63
C GLU B 28 3.11 -5.04 10.38
N LEU B 29 3.26 -5.02 11.69
CA LEU B 29 2.76 -3.95 12.56
C LEU B 29 3.25 -2.58 12.07
N ALA B 30 4.56 -2.50 11.83
CA ALA B 30 5.13 -1.23 11.41
C ALA B 30 4.62 -0.82 10.04
N SER B 31 4.21 -1.81 9.22
CA SER B 31 3.74 -1.37 7.91
C SER B 31 2.27 -0.95 7.96
N THR B 32 1.51 -1.38 8.97
CA THR B 32 0.11 -0.98 9.06
C THR B 32 -0.11 0.07 10.14
N THR B 33 0.96 0.44 10.83
CA THR B 33 0.79 1.30 11.99
C THR B 33 2.03 2.16 12.16
N GLN B 34 1.88 3.46 12.24
CA GLN B 34 2.97 4.40 12.48
C GLN B 34 3.62 4.14 13.83
N ILE B 35 4.76 3.47 13.76
CA ILE B 35 5.53 3.14 14.95
C ILE B 35 6.81 3.97 15.00
N ASP B 36 7.12 4.52 16.16
CA ASP B 36 8.38 5.19 16.46
C ASP B 36 9.32 4.19 17.13
N PHE B 37 10.25 3.65 16.36
CA PHE B 37 11.23 2.73 16.94
C PHE B 37 12.26 3.48 17.76
N TRP B 38 12.46 3.03 18.99
CA TRP B 38 13.48 3.54 19.89
C TRP B 38 14.78 2.75 19.86
N LYS B 39 14.68 1.43 19.92
CA LYS B 39 15.80 0.50 19.80
C LYS B 39 15.35 -0.77 19.08
N PRO B 40 15.97 -1.16 17.96
CA PRO B 40 16.92 -0.36 17.21
C PRO B 40 16.20 0.82 16.54
N ASP B 41 16.95 1.55 15.70
CA ASP B 41 16.40 2.73 15.06
C ASP B 41 15.33 2.39 14.03
N SER B 42 15.40 1.18 13.49
CA SER B 42 14.43 0.81 12.47
C SER B 42 14.20 -0.71 12.46
N VAL B 43 13.04 -1.08 11.92
CA VAL B 43 12.60 -2.46 11.85
C VAL B 43 13.58 -3.32 11.06
N THR B 44 14.22 -2.71 10.06
CA THR B 44 15.25 -3.41 9.30
C THR B 44 16.44 -3.84 10.14
N GLN B 45 16.66 -3.20 11.30
CA GLN B 45 17.84 -3.48 12.12
C GLN B 45 17.61 -4.56 13.17
N ILE B 46 16.42 -5.10 13.31
CA ILE B 46 16.11 -6.12 14.32
C ILE B 46 16.66 -7.49 13.96
N LYS B 47 17.48 -8.05 14.85
CA LYS B 47 18.16 -9.33 14.66
C LYS B 47 17.62 -10.38 15.62
N PRO B 48 17.70 -11.66 15.31
CA PRO B 48 17.09 -12.68 16.18
C PRO B 48 17.66 -12.61 17.60
N HIS B 49 16.84 -12.99 18.56
CA HIS B 49 17.18 -13.08 19.98
C HIS B 49 17.63 -11.72 20.50
N SER B 50 16.72 -10.77 20.28
CA SER B 50 16.95 -9.39 20.64
C SER B 50 15.67 -8.75 21.15
N THR B 51 15.81 -7.54 21.69
CA THR B 51 14.58 -6.88 22.10
C THR B 51 14.40 -5.60 21.30
N VAL B 52 13.15 -5.23 21.11
CA VAL B 52 12.73 -4.10 20.29
C VAL B 52 11.86 -3.17 21.13
N ASP B 53 12.28 -1.93 21.25
CA ASP B 53 11.55 -0.90 21.98
C ASP B 53 10.93 0.07 20.97
N PHE B 54 9.64 0.38 21.12
CA PHE B 54 9.02 1.30 20.17
C PHE B 54 7.79 1.99 20.76
N ARG B 55 7.54 3.22 20.31
CA ARG B 55 6.48 4.08 20.80
C ARG B 55 5.25 3.95 19.91
N VAL B 56 4.08 3.92 20.54
CA VAL B 56 2.82 3.73 19.82
C VAL B 56 1.82 4.83 20.15
N LYS B 57 1.16 5.37 19.13
CA LYS B 57 0.12 6.37 19.31
C LYS B 57 -1.04 5.84 20.17
N ALA B 58 -1.70 6.72 20.92
CA ALA B 58 -2.69 6.31 21.90
C ALA B 58 -3.77 5.46 21.26
N GLU B 59 -4.15 5.89 20.06
CA GLU B 59 -5.23 5.29 19.30
C GLU B 59 -4.89 3.86 18.91
N ASP B 60 -3.59 3.57 18.90
CA ASP B 60 -3.11 2.29 18.39
C ASP B 60 -2.73 1.34 19.49
N THR B 61 -2.74 1.76 20.77
CA THR B 61 -2.13 0.89 21.77
C THR B 61 -2.92 -0.39 21.99
N VAL B 62 -4.25 -0.30 22.02
CA VAL B 62 -5.04 -1.52 22.26
C VAL B 62 -4.79 -2.49 21.11
N THR B 63 -4.88 -2.00 19.88
CA THR B 63 -4.62 -2.87 18.74
C THR B 63 -3.25 -3.54 18.73
N VAL B 64 -2.19 -2.80 19.07
CA VAL B 64 -0.86 -3.42 19.07
C VAL B 64 -0.71 -4.39 20.22
N GLU B 65 -1.22 -4.13 21.43
CA GLU B 65 -0.96 -5.10 22.50
C GLU B 65 -1.68 -6.41 22.22
N ASN B 66 -2.86 -6.28 21.59
CA ASN B 66 -3.59 -7.50 21.25
C ASN B 66 -2.77 -8.36 20.28
N VAL B 67 -2.12 -7.70 19.32
CA VAL B 67 -1.34 -8.41 18.29
C VAL B 67 -0.19 -9.15 18.96
N LEU B 68 0.53 -8.39 19.80
CA LEU B 68 1.56 -9.05 20.62
C LEU B 68 0.94 -10.21 21.40
N LYS B 69 -0.16 -9.94 22.10
CA LYS B 69 -0.79 -10.96 22.92
C LYS B 69 -1.21 -12.16 22.07
N GLN B 70 -1.89 -11.86 20.97
CA GLN B 70 -2.47 -12.90 20.13
C GLN B 70 -1.40 -13.83 19.56
N ASN B 71 -0.30 -13.23 19.13
CA ASN B 71 0.78 -13.96 18.48
C ASN B 71 1.74 -14.59 19.49
N GLU B 72 1.37 -14.44 20.76
CA GLU B 72 2.06 -14.97 21.91
C GLU B 72 3.52 -14.53 21.97
N LEU B 73 3.80 -13.29 21.57
CA LEU B 73 5.18 -12.81 21.67
C LEU B 73 5.52 -12.43 23.11
N GLN B 74 6.79 -12.56 23.51
CA GLN B 74 7.13 -11.97 24.80
C GLN B 74 7.21 -10.46 24.65
N TYR B 75 6.43 -9.75 25.46
CA TYR B 75 6.50 -8.28 25.42
C TYR B 75 6.28 -7.71 26.82
N LYS B 76 6.50 -6.42 26.96
CA LYS B 76 6.28 -5.69 28.22
C LYS B 76 5.84 -4.28 27.82
N VAL B 77 4.97 -3.67 28.59
CA VAL B 77 4.78 -2.23 28.39
C VAL B 77 5.78 -1.50 29.26
N LEU B 78 6.73 -0.80 28.63
CA LEU B 78 7.74 -0.08 29.41
C LEU B 78 7.12 1.16 30.07
N ILE B 79 6.29 1.81 29.27
CA ILE B 79 5.64 3.07 29.66
C ILE B 79 4.16 2.99 29.30
N SER B 80 3.27 3.11 30.29
CA SER B 80 1.84 2.91 30.05
C SER B 80 1.15 4.24 29.77
N ASN B 81 1.79 5.36 30.14
CA ASN B 81 1.22 6.66 29.82
C ASN B 81 2.33 7.68 29.57
N LEU B 82 2.64 7.89 28.29
CA LEU B 82 3.84 8.66 27.95
C LEU B 82 3.75 10.10 28.44
N ARG B 83 2.55 10.64 28.62
CA ARG B 83 2.46 11.98 29.18
C ARG B 83 3.15 12.07 30.54
N ASN B 84 2.87 11.09 31.39
CA ASN B 84 3.39 11.15 32.74
C ASN B 84 4.92 11.14 32.73
N VAL B 85 5.47 10.35 31.81
CA VAL B 85 6.92 10.19 31.76
C VAL B 85 7.58 11.41 31.13
N VAL B 86 6.93 11.99 30.13
CA VAL B 86 7.47 13.23 29.55
C VAL B 86 7.48 14.33 30.62
N GLU B 87 6.38 14.39 31.37
CA GLU B 87 6.29 15.38 32.44
C GLU B 87 7.27 15.08 33.56
N ALA B 88 7.45 13.81 33.92
CA ALA B 88 8.38 13.45 34.99
C ALA B 88 9.84 13.65 34.59
N GLN B 89 10.18 13.86 33.32
CA GLN B 89 11.55 14.22 32.95
C GLN B 89 12.01 15.48 33.65
N PHE B 90 11.06 16.39 33.92
CA PHE B 90 11.50 17.69 34.44
C PHE B 90 11.41 17.75 35.94
N ASP B 91 12.45 17.26 36.61
CA ASP B 91 12.53 17.38 38.07
C ASP B 91 13.72 18.22 38.50
N SER B 92 13.65 19.51 38.18
CA SER B 92 12.50 20.05 37.47
C SER B 92 12.55 21.56 37.36
N ARG B 93 11.50 22.17 36.79
CA ARG B 93 11.47 23.62 36.64
C ARG B 93 10.09 24.12 36.20
N VAL B 94 9.50 23.44 35.23
CA VAL B 94 8.29 23.96 34.57
C VAL B 94 8.70 24.73 33.31
N ARG B 95 9.26 25.92 33.52
CA ARG B 95 10.00 26.60 32.47
C ARG B 95 11.27 27.24 33.06
N ALA B 96 12.43 26.74 32.63
CA ALA B 96 13.68 27.27 33.20
C ALA B 96 13.96 28.68 32.71
N THR B 97 14.73 29.37 33.54
CA THR B 97 15.28 30.66 33.18
C THR B 97 16.78 30.63 33.40
N GLY B 98 17.52 29.95 32.54
CA GLY B 98 18.96 30.03 32.80
C GLY B 98 19.58 28.66 32.83
N HIS B 99 20.89 28.60 32.61
CA HIS B 99 21.58 27.32 32.49
C HIS B 99 21.67 26.59 33.80
N SER B 100 21.54 25.27 33.78
CA SER B 100 21.93 24.46 34.94
C SER B 100 22.58 23.16 34.47
N TYR B 101 23.60 22.71 35.18
CA TYR B 101 24.21 21.44 34.81
C TYR B 101 23.31 20.28 35.22
N GLU B 102 22.24 20.57 35.96
CA GLU B 102 21.34 19.48 36.40
C GLU B 102 19.95 19.62 35.83
N LYS B 103 19.88 20.36 34.71
CA LYS B 103 18.65 20.38 33.93
C LYS B 103 18.99 20.16 32.46
N TYR B 104 17.96 19.85 31.67
CA TYR B 104 18.18 19.82 30.23
C TYR B 104 17.99 21.26 29.70
N ASN B 105 19.00 21.77 29.02
CA ASN B 105 19.04 23.14 28.56
C ASN B 105 18.67 23.27 27.07
N LYS B 106 17.87 24.28 26.76
CA LYS B 106 17.52 24.65 25.39
C LYS B 106 18.75 25.14 24.65
N TRP B 107 18.70 25.10 23.33
CA TRP B 107 19.91 25.45 22.61
C TRP B 107 20.34 26.89 22.90
N GLU B 108 19.40 27.85 22.97
CA GLU B 108 19.84 29.23 23.22
C GLU B 108 20.63 29.32 24.52
N THR B 109 20.24 28.45 25.46
CA THR B 109 20.88 28.42 26.78
C THR B 109 22.25 27.76 26.70
N ILE B 110 22.34 26.64 25.99
CA ILE B 110 23.63 25.98 25.78
C ILE B 110 24.60 26.88 25.02
N GLU B 111 24.11 27.51 23.96
CA GLU B 111 24.94 28.42 23.17
C GLU B 111 25.49 29.52 24.06
N ALA B 112 24.62 30.18 24.85
CA ALA B 112 25.06 31.26 25.73
C ALA B 112 26.07 30.75 26.74
N TRP B 113 25.84 29.53 27.24
CA TRP B 113 26.79 28.89 28.16
C TRP B 113 28.13 28.64 27.51
N THR B 114 28.18 28.23 26.23
CA THR B 114 29.51 27.99 25.65
C THR B 114 30.31 29.28 25.64
N GLN B 115 29.64 30.41 25.43
CA GLN B 115 30.39 31.67 25.49
C GLN B 115 30.82 31.99 26.91
N GLN B 116 29.88 31.91 27.84
CA GLN B 116 30.15 32.28 29.23
C GLN B 116 31.25 31.44 29.84
N VAL B 117 31.21 30.13 29.61
CA VAL B 117 32.20 29.26 30.29
C VAL B 117 33.58 29.53 29.72
N ALA B 118 33.69 29.88 28.43
CA ALA B 118 34.99 30.20 27.86
C ALA B 118 35.51 31.56 28.33
N THR B 119 34.62 32.54 28.42
CA THR B 119 34.95 33.87 28.91
C THR B 119 35.43 33.87 30.36
N GLU B 120 34.78 33.01 31.14
CA GLU B 120 35.08 32.93 32.56
C GLU B 120 36.33 32.12 32.83
N ASN B 121 36.72 31.27 31.89
CA ASN B 121 37.85 30.36 32.15
C ASN B 121 38.80 30.34 30.98
N PRO B 122 39.30 31.49 30.54
CA PRO B 122 39.98 31.56 29.25
C PRO B 122 41.31 30.82 29.23
N ALA B 123 41.91 30.57 30.39
CA ALA B 123 43.14 29.78 30.36
C ALA B 123 42.88 28.28 30.23
N LEU B 124 41.63 27.84 30.41
CA LEU B 124 41.35 26.41 30.34
C LEU B 124 40.41 26.10 29.19
N ILE B 125 39.72 27.13 28.68
CA ILE B 125 38.66 26.85 27.72
C ILE B 125 38.67 27.84 26.57
N SER B 126 38.69 27.31 25.35
CA SER B 126 38.51 28.23 24.21
C SER B 126 37.42 27.68 23.31
N ARG B 127 36.63 28.59 22.73
CA ARG B 127 35.50 28.18 21.91
C ARG B 127 35.81 28.44 20.44
N SER B 128 35.38 27.53 19.57
CA SER B 128 35.54 27.79 18.14
C SER B 128 34.24 27.37 17.45
N VAL B 129 34.09 27.85 16.22
CA VAL B 129 32.96 27.49 15.37
C VAL B 129 33.52 26.60 14.25
N ILE B 130 33.03 25.38 14.14
CA ILE B 130 33.61 24.46 13.15
C ILE B 130 32.76 24.38 11.89
N GLY B 131 31.64 25.09 11.82
CA GLY B 131 30.82 25.03 10.60
C GLY B 131 29.42 25.51 10.94
N THR B 132 28.45 25.38 10.04
CA THR B 132 27.09 25.82 10.35
C THR B 132 26.11 24.70 9.96
N THR B 133 24.97 24.67 10.64
CA THR B 133 23.97 23.65 10.32
C THR B 133 23.27 23.94 9.00
N PHE B 134 22.45 22.98 8.61
CA PHE B 134 21.60 23.17 7.44
C PHE B 134 20.84 24.48 7.53
N GLU B 135 20.30 24.76 8.71
CA GLU B 135 19.48 25.96 8.91
C GLU B 135 20.28 27.21 9.17
N GLY B 136 21.62 27.15 9.21
CA GLY B 136 22.44 28.33 9.37
C GLY B 136 22.98 28.55 10.77
N ARG B 137 22.86 27.56 11.66
CA ARG B 137 23.28 27.79 13.04
C ARG B 137 24.74 27.44 13.26
N ALA B 138 25.47 28.29 13.97
CA ALA B 138 26.87 28.04 14.30
C ALA B 138 27.01 26.81 15.19
N ILE B 139 27.91 25.93 14.77
CA ILE B 139 28.23 24.73 15.53
C ILE B 139 29.45 24.99 16.40
N TYR B 140 29.28 25.01 17.72
CA TYR B 140 30.41 25.30 18.59
C TYR B 140 31.15 24.06 19.08
N LEU B 141 32.44 24.28 19.29
CA LEU B 141 33.36 23.31 19.85
C LEU B 141 34.13 23.96 20.99
N LEU B 142 34.24 23.31 22.14
CA LEU B 142 35.07 23.79 23.24
C LEU B 142 36.37 23.01 23.30
N LYS B 143 37.49 23.72 23.35
CA LYS B 143 38.80 23.13 23.57
C LYS B 143 39.12 23.28 25.05
N VAL B 144 39.20 22.16 25.77
CA VAL B 144 39.38 22.17 27.21
C VAL B 144 40.76 21.63 27.57
N GLY B 145 41.58 22.43 28.23
CA GLY B 145 42.98 22.08 28.44
C GLY B 145 43.84 23.33 28.65
N LYS B 146 44.96 23.15 29.33
CA LYS B 146 45.92 24.21 29.54
C LYS B 146 46.86 24.23 28.33
N ALA B 147 46.99 25.39 27.69
CA ALA B 147 47.81 25.54 26.51
C ALA B 147 49.20 24.92 26.69
N GLY B 148 49.67 24.30 25.61
CA GLY B 148 51.01 23.74 25.63
C GLY B 148 51.49 23.47 24.22
N GLN B 149 52.72 22.99 24.06
CA GLN B 149 53.20 22.73 22.70
C GLN B 149 52.97 21.25 22.34
N ASN B 150 52.44 21.06 21.13
CA ASN B 150 52.31 19.75 20.53
C ASN B 150 51.55 18.78 21.43
N LYS B 151 50.45 19.22 22.03
CA LYS B 151 49.70 18.34 22.92
C LYS B 151 48.88 17.32 22.13
N PRO B 152 48.79 16.10 22.64
CA PRO B 152 47.81 15.15 22.12
C PRO B 152 46.40 15.60 22.51
N ALA B 153 45.42 15.14 21.74
CA ALA B 153 44.04 15.51 21.98
C ALA B 153 43.11 14.30 22.00
N ILE B 154 42.01 14.48 22.73
CA ILE B 154 40.88 13.56 22.67
C ILE B 154 39.65 14.34 22.20
N PHE B 155 38.94 13.77 21.22
CA PHE B 155 37.76 14.41 20.66
C PHE B 155 36.52 13.73 21.23
N MET B 156 35.58 14.51 21.76
CA MET B 156 34.34 13.95 22.27
C MET B 156 33.15 14.74 21.75
N ASP B 157 32.16 14.05 21.19
CA ASP B 157 30.98 14.77 20.73
C ASP B 157 29.72 14.19 21.36
N CYS B 158 28.70 15.05 21.35
CA CYS B 158 27.39 14.82 21.94
C CYS B 158 26.32 15.34 20.98
N GLY B 159 25.08 14.89 21.13
CA GLY B 159 23.96 15.48 20.42
C GLY B 159 23.87 15.12 18.96
N PHE B 160 24.26 13.91 18.56
CA PHE B 160 23.98 13.46 17.21
C PHE B 160 22.47 13.30 17.01
N HIS B 161 21.87 12.48 17.88
CA HIS B 161 20.44 12.19 17.74
C HIS B 161 19.65 13.16 18.60
N ALA B 162 18.74 13.85 17.91
CA ALA B 162 18.12 15.04 18.50
C ALA B 162 17.48 14.75 19.84
N ARG B 163 16.79 13.62 19.96
CA ARG B 163 16.01 13.34 21.16
C ARG B 163 16.81 12.81 22.33
N GLU B 164 18.12 12.59 22.17
CA GLU B 164 18.92 11.94 23.22
C GLU B 164 19.51 12.99 24.16
N TRP B 165 18.64 13.62 24.93
CA TRP B 165 19.01 14.83 25.67
C TRP B 165 20.12 14.61 26.69
N ILE B 166 20.23 13.40 27.27
CA ILE B 166 21.28 13.21 28.28
C ILE B 166 22.65 13.35 27.65
N SER B 167 22.75 13.18 26.32
CA SER B 167 24.11 13.25 25.75
C SER B 167 24.66 14.66 25.77
N PRO B 168 24.04 15.71 25.23
CA PRO B 168 24.51 17.08 25.46
C PRO B 168 24.69 17.41 26.93
N ALA B 169 23.84 16.86 27.80
CA ALA B 169 23.98 17.14 29.23
C ALA B 169 25.32 16.65 29.75
N PHE B 170 25.77 15.49 29.26
CA PHE B 170 27.07 15.00 29.71
C PHE B 170 28.22 15.85 29.19
N CYS B 171 28.21 16.29 27.93
CA CYS B 171 29.28 17.15 27.45
C CYS B 171 29.38 18.39 28.34
N GLN B 172 28.24 18.96 28.72
CA GLN B 172 28.29 20.10 29.63
C GLN B 172 28.84 19.73 31.00
N TRP B 173 28.53 18.52 31.47
CA TRP B 173 29.00 18.12 32.80
C TRP B 173 30.52 17.96 32.81
N PHE B 174 31.03 17.43 31.70
CA PHE B 174 32.49 17.24 31.58
C PHE B 174 33.19 18.57 31.84
N VAL B 175 32.68 19.59 31.15
CA VAL B 175 33.26 20.93 31.26
C VAL B 175 33.10 21.44 32.69
N ARG B 176 31.92 21.27 33.29
CA ARG B 176 31.67 21.63 34.69
C ARG B 176 32.82 21.15 35.56
N GLU B 177 33.08 19.85 35.41
CA GLU B 177 34.03 19.16 36.28
C GLU B 177 35.46 19.58 35.95
N ALA B 178 35.77 19.74 34.67
CA ALA B 178 37.07 20.30 34.32
C ALA B 178 37.28 21.63 35.05
N VAL B 179 36.32 22.54 34.94
CA VAL B 179 36.41 23.87 35.52
C VAL B 179 36.45 23.84 37.05
N ARG B 180 35.62 22.99 37.62
CA ARG B 180 35.48 22.85 39.05
C ARG B 180 36.75 22.36 39.73
N THR B 181 37.43 21.41 39.07
CA THR B 181 38.49 20.66 39.75
C THR B 181 39.88 20.88 39.19
N TYR B 182 40.05 21.46 38.01
CA TYR B 182 41.41 21.82 37.57
C TYR B 182 42.12 22.64 38.65
N GLY B 183 43.35 22.26 38.96
CA GLY B 183 44.14 23.03 39.91
C GLY B 183 43.83 22.68 41.35
N ARG B 184 42.85 21.81 41.59
CA ARG B 184 42.43 21.45 42.94
C ARG B 184 42.54 19.95 43.18
N GLU B 185 42.54 19.23 42.08
CA GLU B 185 42.67 17.79 42.02
C GLU B 185 43.86 17.46 41.13
N ILE B 186 44.87 16.77 41.66
CA ILE B 186 46.06 16.52 40.86
C ILE B 186 45.74 15.75 39.59
N GLN B 187 44.90 14.73 39.61
CA GLN B 187 44.70 13.95 38.38
C GLN B 187 44.09 14.78 37.27
N VAL B 188 43.10 15.60 37.60
CA VAL B 188 42.51 16.45 36.56
C VAL B 188 43.50 17.50 36.06
N THR B 189 44.30 18.05 36.98
CA THR B 189 45.27 19.04 36.56
C THR B 189 46.22 18.42 35.53
N GLU B 190 46.67 17.21 35.86
CA GLU B 190 47.63 16.58 34.95
C GLU B 190 46.97 16.19 33.64
N LEU B 191 45.71 15.72 33.68
CA LEU B 191 45.06 15.38 32.42
C LEU B 191 44.96 16.59 31.49
N LEU B 192 44.53 17.72 32.05
CA LEU B 192 44.26 18.91 31.24
C LEU B 192 45.55 19.63 30.87
N ASN B 193 46.64 19.38 31.61
CA ASN B 193 47.94 19.89 31.23
C ASN B 193 48.58 19.07 30.12
N LYS B 194 48.29 17.77 30.06
CA LYS B 194 48.93 16.87 29.11
C LYS B 194 48.09 16.65 27.86
N LEU B 195 46.77 16.75 28.00
CA LEU B 195 45.85 16.54 26.89
C LEU B 195 45.01 17.80 26.63
N ASP B 196 44.61 17.99 25.39
CA ASP B 196 43.45 18.82 25.08
C ASP B 196 42.24 17.93 24.85
N PHE B 197 41.08 18.37 25.34
CA PHE B 197 39.82 17.71 25.02
C PHE B 197 38.97 18.63 24.15
N TYR B 198 38.65 18.15 22.95
CA TYR B 198 37.70 18.86 22.10
C TYR B 198 36.31 18.30 22.43
N VAL B 199 35.44 19.18 22.91
CA VAL B 199 34.11 18.77 23.38
C VAL B 199 33.06 19.49 22.56
N LEU B 200 32.24 18.75 21.83
CA LEU B 200 31.20 19.27 20.95
C LEU B 200 29.83 19.02 21.60
N PRO B 201 29.28 20.01 22.29
CA PRO B 201 28.11 19.74 23.12
C PRO B 201 26.85 19.39 22.35
N VAL B 202 26.57 20.01 21.21
CA VAL B 202 25.48 19.54 20.33
C VAL B 202 25.93 19.61 18.87
N LEU B 203 25.99 18.46 18.21
CA LEU B 203 26.26 18.50 16.77
C LEU B 203 25.02 18.87 15.95
N ASN B 204 23.94 18.13 16.20
CA ASN B 204 22.71 18.27 15.41
C ASN B 204 21.81 19.33 16.04
N ILE B 205 22.25 20.58 15.96
CA ILE B 205 21.53 21.66 16.65
C ILE B 205 20.13 21.91 16.08
N ASP B 206 19.97 21.79 14.77
CA ASP B 206 18.63 22.00 14.19
C ASP B 206 17.66 20.96 14.73
N GLY B 207 18.11 19.69 14.79
CA GLY B 207 17.20 18.66 15.28
C GLY B 207 16.91 18.84 16.76
N TYR B 208 17.94 19.20 17.52
CA TYR B 208 17.80 19.41 18.97
C TYR B 208 16.77 20.50 19.23
N ILE B 209 16.86 21.61 18.48
CA ILE B 209 15.87 22.67 18.69
C ILE B 209 14.48 22.14 18.34
N TYR B 210 14.40 21.33 17.28
CA TYR B 210 13.09 20.81 16.85
C TYR B 210 12.46 19.95 17.94
N THR B 211 13.29 19.24 18.73
CA THR B 211 12.71 18.41 19.77
C THR B 211 12.15 19.23 20.92
N TRP B 212 12.59 20.46 21.04
CA TRP B 212 12.09 21.37 22.07
C TRP B 212 10.90 22.19 21.56
N THR B 213 10.76 22.29 20.25
CA THR B 213 9.72 23.19 19.73
C THR B 213 8.53 22.46 19.10
N LYS B 214 8.79 21.36 18.42
CA LYS B 214 7.72 20.76 17.62
C LYS B 214 7.60 19.26 17.83
N SER B 215 8.70 18.52 17.95
CA SER B 215 8.58 17.06 17.95
C SER B 215 9.60 16.39 18.87
N ARG B 216 9.18 16.08 20.09
CA ARG B 216 10.11 15.60 21.11
C ARG B 216 10.91 14.39 20.65
N PHE B 217 10.35 13.56 19.78
CA PHE B 217 11.02 12.29 19.47
C PHE B 217 11.65 12.27 18.08
N TRP B 218 11.80 13.45 17.49
CA TRP B 218 12.59 13.62 16.27
C TRP B 218 14.03 13.16 16.55
N ARG B 219 14.71 12.58 15.56
CA ARG B 219 16.11 12.21 15.78
C ARG B 219 17.04 12.73 14.71
N LYS B 220 16.57 12.90 13.48
CA LYS B 220 17.48 13.18 12.37
C LYS B 220 17.89 14.65 12.30
N THR B 221 18.71 15.01 11.30
CA THR B 221 18.92 16.43 10.98
C THR B 221 17.62 17.03 10.44
N ARG B 222 17.64 18.26 9.95
CA ARG B 222 16.46 18.92 9.38
C ARG B 222 16.70 19.40 7.95
N SER B 223 17.65 18.76 7.27
CA SER B 223 17.89 19.08 5.86
C SER B 223 16.72 18.63 4.99
N THR B 224 16.46 19.41 3.93
CA THR B 224 15.37 19.04 3.03
C THR B 224 15.87 18.62 1.66
N HIS B 225 14.94 18.20 0.80
CA HIS B 225 15.23 17.88 -0.60
C HIS B 225 14.33 18.67 -1.55
N THR B 226 14.84 18.93 -2.75
CA THR B 226 13.97 19.51 -3.77
C THR B 226 13.04 18.44 -4.31
N GLY B 227 13.50 17.19 -4.23
CA GLY B 227 12.72 16.08 -4.76
C GLY B 227 11.79 15.53 -3.69
N SER B 228 12.36 14.80 -2.74
CA SER B 228 11.54 14.28 -1.66
C SER B 228 10.97 15.42 -0.82
N SER B 229 9.78 15.18 -0.26
CA SER B 229 9.20 16.08 0.72
C SER B 229 9.63 15.70 2.14
N CYS B 230 10.41 14.62 2.21
CA CYS B 230 10.79 14.14 3.54
C CYS B 230 11.98 14.95 4.01
N ILE B 231 12.19 14.94 5.31
CA ILE B 231 13.22 15.80 5.90
C ILE B 231 14.17 15.00 6.77
N GLY B 232 15.48 15.29 6.68
CA GLY B 232 16.43 14.80 7.67
C GLY B 232 17.16 13.55 7.28
N THR B 233 18.41 13.49 7.71
CA THR B 233 19.34 12.38 7.56
C THR B 233 19.78 11.93 8.95
N ASP B 234 19.96 10.63 9.11
CA ASP B 234 20.50 10.09 10.36
C ASP B 234 22.00 10.35 10.41
N PRO B 235 22.41 11.26 11.28
CA PRO B 235 23.82 11.61 11.33
C PRO B 235 24.66 10.39 11.66
N ASN B 236 24.15 9.44 12.46
CA ASN B 236 24.84 8.23 12.87
CA ASN B 236 25.20 8.42 12.73
C ASN B 236 25.17 7.33 11.67
N ARG B 237 24.55 7.62 10.53
CA ARG B 237 24.72 6.77 9.36
C ARG B 237 25.30 7.57 8.19
N ASN B 238 25.84 8.76 8.45
CA ASN B 238 26.22 9.66 7.37
C ASN B 238 27.73 9.76 7.21
N PHE B 239 28.49 8.94 7.95
CA PHE B 239 29.96 9.04 7.84
C PHE B 239 30.54 8.04 6.85
N ASP B 240 31.74 8.31 6.35
CA ASP B 240 32.31 7.55 5.24
C ASP B 240 32.95 6.25 5.73
N ALA B 241 32.12 5.35 6.24
CA ALA B 241 32.56 4.11 6.87
C ALA B 241 31.66 2.98 6.39
N GLY B 242 32.09 2.30 5.35
CA GLY B 242 31.23 1.33 4.66
C GLY B 242 29.89 1.96 4.29
N TRP B 243 29.92 3.23 3.91
CA TRP B 243 28.72 4.06 3.92
C TRP B 243 27.52 3.44 3.20
N CYS B 244 26.42 3.39 3.95
CA CYS B 244 25.10 2.93 3.57
C CYS B 244 25.08 1.50 3.05
N GLU B 245 26.14 0.73 3.28
CA GLU B 245 26.19 -0.65 2.78
C GLU B 245 25.24 -1.59 3.51
N ILE B 246 25.14 -1.44 4.83
CA ILE B 246 24.27 -2.27 5.64
C ILE B 246 23.68 -1.46 6.79
N GLY B 247 22.50 -1.85 7.27
CA GLY B 247 21.96 -1.33 8.51
C GLY B 247 21.47 0.10 8.42
N ALA B 248 21.20 0.57 7.22
CA ALA B 248 20.73 1.93 6.97
C ALA B 248 19.76 1.92 5.80
N SER B 249 19.08 3.04 5.60
CA SER B 249 18.07 3.05 4.53
C SER B 249 18.46 4.04 3.45
N ARG B 250 18.11 3.77 2.19
CA ARG B 250 18.30 4.78 1.14
C ARG B 250 17.02 5.58 0.93
N ASN B 251 16.00 5.32 1.75
CA ASN B 251 14.73 6.04 1.65
C ASN B 251 14.74 7.31 2.49
N PRO B 252 14.66 8.48 1.86
CA PRO B 252 14.71 9.75 2.61
C PRO B 252 13.70 9.87 3.73
N CYS B 253 12.59 9.14 3.66
CA CYS B 253 11.59 9.24 4.73
C CYS B 253 11.90 8.34 5.92
N ASP B 254 12.93 7.52 5.81
CA ASP B 254 13.17 6.55 6.90
C ASP B 254 14.02 7.20 7.98
N GLU B 255 13.87 6.72 9.22
CA GLU B 255 14.63 7.32 10.32
C GLU B 255 16.11 7.00 10.23
N THR B 256 16.49 5.97 9.47
CA THR B 256 17.90 5.62 9.32
C THR B 256 18.44 5.99 7.94
N TYR B 257 17.76 6.96 7.32
CA TYR B 257 18.24 7.47 6.04
C TYR B 257 19.73 7.87 6.11
N CYS B 258 20.55 7.32 5.21
CA CYS B 258 21.99 7.53 5.23
C CYS B 258 22.38 8.85 4.58
N GLY B 259 21.45 9.53 3.92
CA GLY B 259 21.74 10.74 3.18
C GLY B 259 21.99 10.45 1.70
N PRO B 260 22.07 11.47 0.86
CA PRO B 260 22.33 11.26 -0.57
C PRO B 260 23.78 10.86 -0.86
N ALA B 261 24.61 10.99 0.18
CA ALA B 261 26.04 10.71 0.09
C ALA B 261 26.66 10.72 1.48
N ALA B 262 27.80 10.02 1.63
CA ALA B 262 28.55 10.23 2.87
C ALA B 262 28.84 11.71 3.08
N GLU B 263 28.71 12.19 4.31
CA GLU B 263 28.98 13.57 4.68
C GLU B 263 28.12 14.57 3.91
N SER B 264 26.94 14.13 3.47
CA SER B 264 25.98 15.04 2.84
C SER B 264 25.51 16.13 3.78
N GLU B 265 25.46 15.84 5.08
CA GLU B 265 24.99 16.83 6.06
C GLU B 265 26.09 17.82 6.38
N LYS B 266 25.78 19.12 6.35
CA LYS B 266 26.77 20.11 6.74
C LYS B 266 27.36 19.83 8.12
N GLU B 267 26.56 19.37 9.07
CA GLU B 267 27.03 19.09 10.43
C GLU B 267 28.07 17.99 10.45
N THR B 268 27.78 16.88 9.76
CA THR B 268 28.72 15.77 9.80
C THR B 268 29.96 16.10 8.97
N LYS B 269 29.76 16.86 7.90
CA LYS B 269 30.93 17.32 7.15
C LYS B 269 31.82 18.20 8.00
N ALA B 270 31.22 19.09 8.80
CA ALA B 270 31.99 19.98 9.66
C ALA B 270 32.82 19.17 10.65
N LEU B 271 32.18 18.19 11.27
CA LEU B 271 32.89 17.35 12.24
C LEU B 271 34.02 16.59 11.58
N ALA B 272 33.74 15.92 10.48
CA ALA B 272 34.81 15.13 9.84
C ALA B 272 35.93 16.04 9.34
N ASP B 273 35.56 17.19 8.79
CA ASP B 273 36.60 18.14 8.37
C ASP B 273 37.51 18.53 9.53
N PHE B 274 36.91 18.83 10.67
CA PHE B 274 37.73 19.27 11.82
C PHE B 274 38.72 18.18 12.20
N ILE B 275 38.19 16.95 12.30
CA ILE B 275 39.05 15.86 12.78
C ILE B 275 40.14 15.56 11.76
N ARG B 276 39.80 15.64 10.46
CA ARG B 276 40.86 15.46 9.46
C ARG B 276 41.91 16.55 9.60
N ASN B 277 41.51 17.77 9.92
CA ASN B 277 42.50 18.84 10.05
C ASN B 277 43.40 18.62 11.26
N LYS B 278 42.90 17.95 12.29
CA LYS B 278 43.62 17.78 13.54
C LYS B 278 44.11 16.34 13.72
N LEU B 279 44.08 15.58 12.63
CA LEU B 279 44.35 14.16 12.73
C LEU B 279 45.68 13.85 13.40
N SER B 280 46.70 14.67 13.14
CA SER B 280 48.01 14.43 13.73
C SER B 280 47.98 14.48 15.25
N SER B 281 47.00 15.14 15.84
CA SER B 281 47.03 15.31 17.29
C SER B 281 45.96 14.48 17.99
N ILE B 282 44.90 14.10 17.28
CA ILE B 282 43.80 13.41 17.95
C ILE B 282 44.07 11.93 18.14
N LYS B 283 44.09 11.48 19.40
CA LYS B 283 44.53 10.14 19.74
C LYS B 283 43.39 9.24 20.15
N ALA B 284 42.25 9.85 20.46
CA ALA B 284 41.05 9.08 20.83
C ALA B 284 39.80 9.83 20.38
N TYR B 285 38.79 9.06 20.03
CA TYR B 285 37.51 9.61 19.59
C TYR B 285 36.40 9.00 20.45
N LEU B 286 35.60 9.83 21.10
CA LEU B 286 34.52 9.35 21.96
C LEU B 286 33.21 9.99 21.53
N THR B 287 32.19 9.18 21.24
CA THR B 287 30.93 9.76 20.79
C THR B 287 29.81 9.31 21.73
N ILE B 288 29.06 10.26 22.26
CA ILE B 288 28.13 10.06 23.36
C ILE B 288 26.68 10.07 22.86
N HIS B 289 25.98 8.98 23.17
CA HIS B 289 24.59 8.76 22.76
C HIS B 289 23.79 8.22 23.93
N SER B 290 22.52 7.88 23.68
CA SER B 290 21.71 7.19 24.69
C SER B 290 20.57 6.47 23.99
N TYR B 291 19.84 5.58 24.63
CA TYR B 291 20.10 4.95 25.91
C TYR B 291 20.64 3.53 25.68
N SER B 292 20.91 2.78 26.71
CA SER B 292 21.03 1.34 26.82
C SER B 292 22.26 0.91 27.61
N GLN B 293 23.13 1.84 28.00
CA GLN B 293 24.25 1.49 28.90
C GLN B 293 25.21 0.52 28.24
N MET B 294 25.87 0.99 27.19
CA MET B 294 26.83 0.29 26.37
C MET B 294 28.06 1.14 26.10
N MET B 295 29.19 0.43 25.99
CA MET B 295 30.43 1.01 25.48
C MET B 295 30.92 0.13 24.32
N ILE B 296 30.85 0.66 23.11
CA ILE B 296 31.06 -0.09 21.87
C ILE B 296 32.32 0.34 21.17
N TYR B 297 33.06 -0.54 20.52
CA TYR B 297 34.22 -0.14 19.71
C TYR B 297 34.09 -0.79 18.34
N PRO B 298 34.86 -0.35 17.37
CA PRO B 298 34.64 -0.87 16.00
C PRO B 298 34.91 -2.36 15.87
N TYR B 299 34.33 -2.99 14.85
CA TYR B 299 33.55 -2.33 13.83
C TYR B 299 32.05 -2.64 13.91
N SER B 300 31.27 -1.67 13.42
CA SER B 300 29.85 -1.89 13.18
C SER B 300 29.58 -2.12 11.70
N TYR B 301 30.40 -1.62 10.77
CA TYR B 301 29.96 -1.71 9.36
C TYR B 301 30.31 -3.05 8.72
N ALA B 302 31.03 -3.90 9.44
CA ALA B 302 31.56 -5.15 8.90
C ALA B 302 31.82 -6.13 10.04
N TYR B 303 31.78 -7.44 9.77
CA TYR B 303 32.18 -8.37 10.83
C TYR B 303 33.69 -8.55 10.76
N LYS B 304 34.39 -7.59 11.29
CA LYS B 304 35.84 -7.59 11.32
C LYS B 304 36.23 -6.78 12.56
N LEU B 305 37.47 -6.98 12.96
CA LEU B 305 37.98 -6.33 14.16
C LEU B 305 39.26 -5.56 13.84
N GLY B 306 39.54 -4.54 14.64
CA GLY B 306 40.78 -3.81 14.41
C GLY B 306 41.98 -4.57 14.92
N GLU B 307 43.16 -4.15 14.51
CA GLU B 307 44.41 -4.81 14.92
C GLU B 307 44.55 -4.81 16.43
N ASN B 308 44.05 -3.73 17.04
CA ASN B 308 44.20 -3.66 18.50
C ASN B 308 42.91 -4.07 19.19
N ASN B 309 42.09 -4.93 18.59
CA ASN B 309 40.83 -5.20 19.29
C ASN B 309 41.04 -5.88 20.64
N ALA B 310 42.04 -6.74 20.85
CA ALA B 310 42.14 -7.26 22.24
C ALA B 310 42.38 -6.15 23.25
N GLU B 311 43.16 -5.15 22.85
CA GLU B 311 43.43 -4.02 23.74
C GLU B 311 42.16 -3.21 23.99
N LEU B 312 41.37 -2.98 22.95
CA LEU B 312 40.11 -2.25 23.12
C LEU B 312 39.15 -3.00 24.05
N ASN B 313 39.09 -4.33 23.90
CA ASN B 313 38.23 -5.13 24.77
C ASN B 313 38.64 -4.95 26.23
N ALA B 314 39.94 -5.08 26.48
CA ALA B 314 40.43 -4.99 27.85
C ALA B 314 40.15 -3.61 28.41
N LEU B 315 40.33 -2.57 27.60
CA LEU B 315 40.13 -1.20 28.08
C LEU B 315 38.64 -0.97 28.37
N ALA B 316 37.80 -1.52 27.49
CA ALA B 316 36.36 -1.37 27.68
C ALA B 316 35.93 -2.06 28.97
N LYS B 317 36.40 -3.29 29.19
CA LYS B 317 36.18 -4.02 30.42
C LYS B 317 36.60 -3.19 31.63
N ALA B 318 37.78 -2.57 31.60
CA ALA B 318 38.28 -1.82 32.75
C ALA B 318 37.46 -0.56 32.96
N THR B 319 37.11 0.09 31.87
CA THR B 319 36.33 1.33 31.92
C THR B 319 34.94 1.10 32.50
N VAL B 320 34.26 0.03 32.08
CA VAL B 320 32.90 -0.17 32.59
C VAL B 320 32.96 -0.56 34.06
N LYS B 321 34.03 -1.23 34.49
CA LYS B 321 34.20 -1.50 35.91
C LYS B 321 34.39 -0.21 36.71
N GLU B 322 35.18 0.72 36.20
CA GLU B 322 35.36 2.01 36.87
C GLU B 322 34.02 2.74 36.90
N LEU B 323 33.28 2.72 35.78
CA LEU B 323 31.96 3.37 35.76
C LEU B 323 31.09 2.82 36.88
N ALA B 324 31.06 1.50 36.98
CA ALA B 324 30.16 0.86 37.93
C ALA B 324 30.53 1.14 39.38
N SER B 325 31.79 1.53 39.58
CA SER B 325 32.26 1.55 40.97
C SER B 325 31.53 2.62 41.77
N LEU B 326 30.94 3.58 41.06
CA LEU B 326 30.34 4.68 41.79
C LEU B 326 28.91 4.37 42.24
N HIS B 327 28.02 4.05 41.31
CA HIS B 327 26.62 3.82 41.64
C HIS B 327 26.13 2.42 41.32
N GLY B 328 27.03 1.59 40.81
CA GLY B 328 26.72 0.20 40.52
C GLY B 328 26.07 0.05 39.15
N THR B 329 26.07 1.10 38.34
CA THR B 329 25.44 0.99 37.03
C THR B 329 26.19 0.04 36.11
N LYS B 330 25.45 -0.89 35.49
CA LYS B 330 26.08 -1.91 34.67
C LYS B 330 25.98 -1.55 33.19
N TYR B 331 27.14 -1.56 32.54
CA TYR B 331 27.31 -1.40 31.12
C TYR B 331 27.74 -2.72 30.47
N THR B 332 27.27 -2.94 29.25
CA THR B 332 27.84 -4.03 28.44
C THR B 332 28.80 -3.42 27.43
N TYR B 333 29.72 -4.22 26.92
CA TYR B 333 30.72 -3.70 26.00
C TYR B 333 31.05 -4.76 24.95
N GLY B 334 31.64 -4.30 23.84
CA GLY B 334 32.13 -5.16 22.79
C GLY B 334 32.17 -4.45 21.44
N PRO B 335 32.54 -5.15 20.38
CA PRO B 335 32.52 -4.58 19.03
C PRO B 335 31.09 -4.42 18.55
N GLY B 336 30.85 -3.30 17.86
CA GLY B 336 29.48 -2.94 17.52
C GLY B 336 28.70 -3.99 16.77
N ALA B 337 29.26 -4.55 15.69
CA ALA B 337 28.50 -5.41 14.79
C ALA B 337 27.83 -6.56 15.52
N THR B 338 28.52 -7.10 16.52
CA THR B 338 28.02 -8.30 17.17
C THR B 338 27.43 -7.93 18.53
N THR B 339 27.73 -6.74 19.03
CA THR B 339 27.23 -6.39 20.35
C THR B 339 25.88 -5.67 20.25
N ILE B 340 25.76 -4.93 19.15
CA ILE B 340 24.51 -4.23 18.90
C ILE B 340 23.89 -4.85 17.66
N TYR B 341 24.33 -4.35 16.51
CA TYR B 341 23.95 -4.95 15.24
C TYR B 341 24.80 -4.33 14.15
N PRO B 342 24.92 -4.96 13.01
CA PRO B 342 25.66 -4.32 11.91
C PRO B 342 24.97 -3.02 11.48
N ALA B 343 25.74 -1.96 11.30
CA ALA B 343 25.19 -0.70 10.80
C ALA B 343 26.35 0.11 10.23
N ALA B 344 26.16 0.64 9.04
CA ALA B 344 27.22 1.36 8.33
C ALA B 344 27.12 2.85 8.61
N GLY B 345 28.22 3.56 8.36
CA GLY B 345 28.15 5.01 8.35
C GLY B 345 28.46 5.66 9.68
N GLY B 346 28.88 4.89 10.69
CA GLY B 346 29.09 5.45 12.02
C GLY B 346 30.38 6.23 12.14
N SER B 347 30.35 7.27 13.00
CA SER B 347 31.52 8.13 13.18
C SER B 347 32.62 7.43 13.97
N ASP B 348 32.26 6.48 14.83
CA ASP B 348 33.29 5.74 15.57
C ASP B 348 34.15 4.88 14.62
N ASP B 349 33.48 4.18 13.71
CA ASP B 349 34.16 3.37 12.69
C ASP B 349 35.00 4.25 11.76
N TRP B 350 34.41 5.37 11.35
CA TRP B 350 35.13 6.31 10.49
C TRP B 350 36.40 6.83 11.15
N ALA B 351 36.27 7.26 12.41
CA ALA B 351 37.45 7.82 13.10
C ALA B 351 38.54 6.77 13.24
N TYR B 352 38.13 5.55 13.60
CA TYR B 352 39.07 4.43 13.71
C TYR B 352 39.81 4.19 12.40
N ASP B 353 39.08 4.22 11.29
CA ASP B 353 39.67 4.01 9.97
C ASP B 353 40.57 5.18 9.56
N GLN B 354 40.51 6.32 10.25
CA GLN B 354 41.49 7.37 9.99
C GLN B 354 42.79 7.14 10.77
N GLY B 355 42.85 6.13 11.62
CA GLY B 355 44.07 5.88 12.38
C GLY B 355 43.95 6.26 13.84
N ILE B 356 42.78 6.70 14.27
CA ILE B 356 42.55 6.96 15.69
C ILE B 356 42.24 5.66 16.42
N ARG B 357 43.21 5.18 17.19
CA ARG B 357 43.28 3.81 17.64
C ARG B 357 42.26 3.50 18.74
N TYR B 358 41.87 4.54 19.47
CA TYR B 358 40.94 4.44 20.58
C TYR B 358 39.67 5.16 20.20
N SER B 359 38.65 4.39 19.82
CA SER B 359 37.42 4.97 19.31
C SER B 359 36.25 4.24 19.96
N PHE B 360 35.41 4.96 20.69
CA PHE B 360 34.31 4.35 21.41
C PHE B 360 33.01 5.13 21.27
N THR B 361 31.92 4.38 21.19
CA THR B 361 30.58 4.91 21.35
C THR B 361 30.11 4.57 22.76
N PHE B 362 29.61 5.58 23.46
CA PHE B 362 28.95 5.38 24.75
C PHE B 362 27.45 5.61 24.58
N GLU B 363 26.66 4.62 24.98
CA GLU B 363 25.21 4.81 25.13
C GLU B 363 24.93 4.90 26.63
N LEU B 364 24.50 6.07 27.08
CA LEU B 364 24.35 6.29 28.52
C LEU B 364 23.05 5.72 29.05
N ARG B 365 22.68 6.12 30.27
CA ARG B 365 21.47 5.60 30.90
C ARG B 365 20.21 5.95 30.09
N ASP B 366 19.12 5.23 30.29
CA ASP B 366 19.04 4.05 31.17
C ASP B 366 18.95 2.79 30.33
N THR B 367 18.23 1.75 30.76
CA THR B 367 18.10 0.57 29.92
C THR B 367 16.71 0.41 29.31
N GLY B 368 15.95 1.50 29.29
CA GLY B 368 14.68 1.53 28.59
C GLY B 368 13.52 1.90 29.48
N ARG B 369 13.69 2.00 30.79
CA ARG B 369 12.55 2.35 31.64
C ARG B 369 12.00 3.75 31.31
N TYR B 370 12.92 4.71 31.15
CA TYR B 370 12.55 6.03 30.66
C TYR B 370 13.18 6.34 29.30
N GLY B 371 14.20 5.60 28.90
CA GLY B 371 14.76 5.81 27.57
C GLY B 371 15.20 7.25 27.36
N PHE B 372 14.75 7.88 26.29
CA PHE B 372 15.15 9.26 26.01
C PHE B 372 14.63 10.25 27.05
N LEU B 373 13.65 9.81 27.85
CA LEU B 373 13.02 10.74 28.79
C LEU B 373 13.67 10.64 30.18
N LEU B 374 14.92 10.20 30.23
CA LEU B 374 15.63 10.11 31.50
C LEU B 374 15.45 11.36 32.36
N PRO B 375 14.95 11.26 33.58
CA PRO B 375 14.64 12.48 34.34
C PRO B 375 15.86 13.30 34.69
N GLU B 376 15.62 14.62 34.83
CA GLU B 376 16.66 15.53 35.25
C GLU B 376 17.23 15.07 36.58
N SER B 377 16.38 14.46 37.41
CA SER B 377 16.86 13.99 38.70
C SER B 377 17.99 12.96 38.55
N GLN B 378 18.14 12.33 37.39
CA GLN B 378 19.23 11.36 37.20
C GLN B 378 20.42 11.95 36.46
N ILE B 379 20.38 13.23 36.07
CA ILE B 379 21.50 13.78 35.30
C ILE B 379 22.80 13.73 36.09
N ARG B 380 22.79 14.18 37.33
CA ARG B 380 24.04 14.23 38.07
C ARG B 380 24.68 12.85 38.19
N ALA B 381 23.94 11.83 38.63
CA ALA B 381 24.50 10.51 38.87
C ALA B 381 25.00 9.88 37.56
N THR B 382 24.20 10.07 36.52
CA THR B 382 24.61 9.57 35.20
C THR B 382 25.94 10.19 34.79
N CYS B 383 26.00 11.52 34.91
CA CYS B 383 27.16 12.25 34.44
C CYS B 383 28.36 12.05 35.33
N GLU B 384 28.17 11.93 36.63
CA GLU B 384 29.28 11.59 37.51
C GLU B 384 29.94 10.27 37.12
N GLU B 385 29.14 9.20 36.94
CA GLU B 385 29.73 7.89 36.63
C GLU B 385 30.35 7.89 35.24
N THR B 386 29.75 8.60 34.28
CA THR B 386 30.31 8.64 32.93
C THR B 386 31.62 9.43 32.92
N PHE B 387 31.69 10.45 33.78
CA PHE B 387 32.91 11.25 33.87
C PHE B 387 34.05 10.37 34.37
N LEU B 388 33.77 9.48 35.32
CA LEU B 388 34.82 8.58 35.79
C LEU B 388 35.38 7.79 34.61
N ALA B 389 34.47 7.34 33.76
CA ALA B 389 34.82 6.49 32.63
C ALA B 389 35.70 7.26 31.64
N ILE B 390 35.32 8.50 31.32
CA ILE B 390 36.10 9.32 30.40
C ILE B 390 37.49 9.61 30.95
N LYS B 391 37.60 9.94 32.24
CA LYS B 391 38.93 10.15 32.82
C LYS B 391 39.76 8.87 32.77
N TYR B 392 39.08 7.74 32.95
CA TYR B 392 39.78 6.45 32.88
C TYR B 392 40.41 6.22 31.52
N VAL B 393 39.62 6.40 30.49
CA VAL B 393 40.10 6.23 29.13
C VAL B 393 41.17 7.27 28.83
N ALA B 394 40.94 8.51 29.25
CA ALA B 394 41.91 9.56 28.93
C ALA B 394 43.25 9.27 29.59
N SER B 395 43.22 8.78 30.83
CA SER B 395 44.48 8.47 31.51
C SER B 395 45.18 7.30 30.83
N TYR B 396 44.39 6.34 30.35
CA TYR B 396 44.97 5.24 29.59
C TYR B 396 45.67 5.73 28.33
N VAL B 397 44.95 6.57 27.59
CA VAL B 397 45.52 7.05 26.32
C VAL B 397 46.86 7.73 26.57
N LEU B 398 46.98 8.50 27.65
CA LEU B 398 48.25 9.16 27.98
C LEU B 398 49.37 8.17 28.19
N GLU B 399 49.04 6.95 28.56
CA GLU B 399 50.14 6.00 28.80
C GLU B 399 50.44 5.18 27.55
N HIS B 400 49.76 5.47 26.45
CA HIS B 400 49.82 4.69 25.24
C HIS B 400 49.84 5.56 23.99
N LEU B 401 50.58 6.65 24.10
CA LEU B 401 50.57 7.65 23.01
C LEU B 401 51.29 7.10 21.80
N TYR B 402 50.96 7.69 20.66
CA TYR B 402 51.43 7.22 19.37
C TYR B 402 51.30 8.35 18.35
ZN ZN C . -27.31 -8.54 -21.80
C1 CIT D . -22.43 0.03 -44.87
O1 CIT D . -21.71 0.74 -45.34
O2 CIT D . -22.96 0.03 -43.79
C2 CIT D . -23.06 -1.08 -45.78
C3 CIT D . -23.80 -2.30 -45.18
O7 CIT D . -24.95 -1.93 -44.36
C4 CIT D . -24.42 -3.13 -46.34
C5 CIT D . -25.16 -4.33 -45.79
O3 CIT D . -25.18 -5.37 -46.61
O4 CIT D . -25.36 -4.55 -44.61
C6 CIT D . -22.83 -3.12 -44.36
O5 CIT D . -22.11 -3.92 -45.02
O6 CIT D . -22.97 -3.12 -43.10
ZN ZN E . 22.32 8.17 19.26
#